data_3ZXK
#
_entry.id   3ZXK
#
_cell.length_a   65.380
_cell.length_b   52.970
_cell.length_c   146.870
_cell.angle_alpha   90.00
_cell.angle_beta   101.69
_cell.angle_gamma   90.00
#
_symmetry.space_group_name_H-M   'P 1 21 1'
#
loop_
_entity.id
_entity.type
_entity.pdbx_description
1 polymer HIAXHD3
2 branched alpha-L-arabinofuranose-(1-2)-[beta-D-xylopyranose-(1-4)]beta-D-xylopyranose-(1-4)-beta-D-xylopyranose
3 non-polymer '4-(2-HYDROXYETHYL)-1-PIPERAZINE ETHANESULFONIC ACID'
4 water water
#
_entity_poly.entity_id   1
_entity_poly.type   'polypeptide(L)'
_entity_poly.pdbx_seq_one_letter_code
;MPRQASTFTNPVLWEDHPALEVFRVGSVFYYSSSTFAYSPGAPVLKSYDLVHWTPVTHSVPRLNFGSNYDLPSGTPGAYV
KGIWASTLRYRRSNDRFYWYGCVEGRTYLWTSPGGNALANNGEVPPSAWNWQHTATIDNCYYDAGLLIDDDDTMYIAYGN
PTINVAQLSPDGTRQVRVQQRVYAHPQGQTVEGARMYKIRGNYYILVTRPADAEYVLRSTTGSPFGPYEARTLVSRIQGP
LANAGFAHQGGIVDAPDGTWHYVAFMDAYPGGRIPVVAPLRWTADGWPEVVTDSQGRWGTSYPIPVRGAKNATEGLASTD
LDEFRGTRFSEHWEWNHNPDTSKFTLLGGNEGGLILRTATVTGDLFAARNTLTRRIAGPKASGIFRLDVRGMRDGDRAGA
VLFRDRAAYIGVWKQGNEARIVMVDDLRLNEDGWRTASTGRVAANGPVIDTNAQQDIWLRIDADITPAFGTNTERTTTFY
YSIDGGRTYTRLGPAFAMTNSWRYFTGYRFGVFNFSTKSLGGEVKVKGFKMNMILEHHHHHH
;
_entity_poly.pdbx_strand_id   A,B
#
# COMPACT_ATOMS: atom_id res chain seq x y z
N ALA A 5 -2.57 2.64 -20.28
CA ALA A 5 -2.54 3.74 -19.28
C ALA A 5 -1.96 5.01 -19.90
N SER A 6 -2.80 6.03 -20.06
CA SER A 6 -2.48 7.23 -20.86
C SER A 6 -1.74 8.32 -20.10
N THR A 7 -1.68 8.19 -18.77
CA THR A 7 -0.96 9.13 -17.92
C THR A 7 -0.08 8.38 -16.94
N PHE A 8 0.78 9.12 -16.25
CA PHE A 8 1.57 8.55 -15.16
C PHE A 8 1.62 9.52 -13.99
N THR A 9 1.95 8.99 -12.83
CA THR A 9 2.11 9.78 -11.61
C THR A 9 3.58 9.82 -11.16
N ASN A 10 3.98 10.97 -10.63
CA ASN A 10 5.30 11.14 -10.01
C ASN A 10 5.27 10.74 -8.52
N PRO A 11 6.37 10.17 -7.96
CA PRO A 11 7.62 9.86 -8.65
C PRO A 11 7.49 8.63 -9.55
N VAL A 12 8.36 8.54 -10.55
CA VAL A 12 8.27 7.40 -11.46
C VAL A 12 8.87 6.12 -10.88
N LEU A 13 9.82 6.25 -9.96
CA LEU A 13 10.45 5.10 -9.32
C LEU A 13 10.75 5.54 -7.92
N TRP A 14 10.18 4.88 -6.92
CA TRP A 14 10.38 5.32 -5.54
C TRP A 14 11.51 4.56 -4.92
N GLU A 15 12.68 4.64 -5.52
CA GLU A 15 13.88 3.96 -5.02
C GLU A 15 15.05 4.91 -5.26
N ASP A 16 16.02 4.89 -4.34
CA ASP A 16 17.16 5.81 -4.33
C ASP A 16 18.09 5.58 -5.52
N HIS A 17 18.05 6.49 -6.51
CA HIS A 17 18.86 6.40 -7.78
C HIS A 17 19.35 7.79 -8.11
N PRO A 18 20.28 8.32 -7.30
CA PRO A 18 20.68 9.72 -7.42
C PRO A 18 21.60 10.03 -8.58
N ALA A 19 21.75 11.34 -8.85
CA ALA A 19 22.69 11.84 -9.87
C ALA A 19 22.48 11.24 -11.26
N LEU A 20 21.22 11.12 -11.64
CA LEU A 20 20.85 10.38 -12.83
C LEU A 20 21.35 11.03 -14.11
N GLU A 21 21.70 10.16 -15.07
CA GLU A 21 21.92 10.51 -16.48
C GLU A 21 20.88 9.71 -17.25
N VAL A 22 20.14 10.34 -18.16
CA VAL A 22 19.16 9.60 -19.00
CA VAL A 22 19.18 9.60 -18.98
C VAL A 22 19.43 9.86 -20.47
N PHE A 23 19.25 8.82 -21.29
CA PHE A 23 19.37 8.98 -22.74
C PHE A 23 18.55 7.91 -23.42
N ARG A 24 18.35 8.07 -24.73
CA ARG A 24 17.55 7.13 -25.48
C ARG A 24 18.38 6.48 -26.56
N VAL A 25 18.21 5.17 -26.73
CA VAL A 25 18.69 4.47 -27.93
C VAL A 25 17.50 3.82 -28.57
N GLY A 26 17.08 4.32 -29.74
CA GLY A 26 15.92 3.74 -30.40
C GLY A 26 14.67 3.81 -29.53
N SER A 27 14.08 2.64 -29.24
CA SER A 27 12.87 2.54 -28.42
C SER A 27 13.12 2.45 -26.91
N VAL A 28 14.38 2.49 -26.50
CA VAL A 28 14.73 2.21 -25.10
C VAL A 28 15.38 3.42 -24.43
N PHE A 29 14.93 3.71 -23.23
CA PHE A 29 15.58 4.74 -22.40
C PHE A 29 16.47 4.05 -21.38
N TYR A 30 17.63 4.63 -21.13
CA TYR A 30 18.59 4.15 -20.14
C TYR A 30 18.87 5.23 -19.11
N TYR A 31 19.11 4.82 -17.88
CA TYR A 31 19.24 5.73 -16.71
C TYR A 31 20.41 5.18 -15.92
N SER A 32 21.38 6.03 -15.65
CA SER A 32 22.57 5.68 -14.88
C SER A 32 22.60 6.48 -13.57
N SER A 33 22.93 5.82 -12.46
CA SER A 33 22.90 6.46 -11.13
C SER A 33 24.19 6.26 -10.33
N SER A 34 24.29 6.97 -9.19
CA SER A 34 25.48 6.93 -8.35
CA SER A 34 25.46 7.01 -8.31
C SER A 34 25.31 6.10 -7.09
N THR A 35 26.41 5.44 -6.71
CA THR A 35 26.34 4.44 -5.65
C THR A 35 27.42 4.52 -4.58
N PHE A 36 28.27 5.55 -4.60
CA PHE A 36 29.23 5.74 -3.49
C PHE A 36 30.12 4.49 -3.33
N ALA A 37 30.16 3.89 -2.15
CA ALA A 37 31.01 2.72 -1.92
C ALA A 37 30.25 1.39 -2.04
N TYR A 38 29.03 1.43 -2.57
CA TYR A 38 28.28 0.17 -2.81
C TYR A 38 28.79 -0.54 -4.08
N SER A 39 28.85 -1.85 -4.04
CA SER A 39 29.56 -2.62 -5.06
C SER A 39 28.72 -3.85 -5.46
N PRO A 40 28.39 -4.02 -6.74
CA PRO A 40 28.79 -3.28 -7.92
C PRO A 40 28.25 -1.86 -7.89
N GLY A 41 28.89 -1.01 -8.67
CA GLY A 41 28.52 0.39 -8.72
C GLY A 41 27.91 0.79 -10.05
N ALA A 42 27.29 1.98 -10.04
CA ALA A 42 26.77 2.64 -11.25
C ALA A 42 25.71 1.81 -11.97
N PRO A 43 24.57 1.59 -11.31
CA PRO A 43 23.49 0.82 -11.94
C PRO A 43 23.01 1.50 -13.21
N VAL A 44 22.52 0.67 -14.13
CA VAL A 44 21.80 1.10 -15.33
C VAL A 44 20.38 0.54 -15.25
N LEU A 45 19.41 1.43 -15.39
CA LEU A 45 18.01 1.04 -15.49
C LEU A 45 17.52 1.24 -16.90
N LYS A 46 16.49 0.48 -17.26
CA LYS A 46 15.92 0.50 -18.59
C LYS A 46 14.41 0.77 -18.49
N SER A 47 13.90 1.54 -19.46
CA SER A 47 12.47 1.82 -19.60
CA SER A 47 12.46 1.74 -19.60
C SER A 47 12.07 1.97 -21.05
N TYR A 48 10.80 1.73 -21.34
CA TYR A 48 10.26 1.99 -22.67
C TYR A 48 9.43 3.27 -22.69
N ASP A 49 9.18 3.84 -21.52
CA ASP A 49 8.26 4.98 -21.40
C ASP A 49 8.67 6.08 -20.43
N LEU A 50 9.90 6.02 -19.89
CA LEU A 50 10.41 6.93 -18.84
C LEU A 50 9.71 6.80 -17.51
N VAL A 51 8.80 5.85 -17.40
CA VAL A 51 7.97 5.72 -16.20
C VAL A 51 8.20 4.41 -15.45
N HIS A 52 8.21 3.29 -16.15
CA HIS A 52 8.43 2.00 -15.52
C HIS A 52 9.83 1.53 -15.80
N TRP A 53 10.63 1.49 -14.75
CA TRP A 53 12.07 1.24 -14.85
C TRP A 53 12.41 -0.10 -14.26
N THR A 54 13.37 -0.79 -14.87
CA THR A 54 13.87 -2.10 -14.43
C THR A 54 15.39 -2.04 -14.46
N PRO A 55 16.07 -2.49 -13.38
CA PRO A 55 17.55 -2.47 -13.41
C PRO A 55 18.08 -3.57 -14.32
N VAL A 56 19.05 -3.26 -15.19
CA VAL A 56 19.53 -4.26 -16.15
C VAL A 56 20.99 -4.62 -16.06
N THR A 57 21.81 -3.74 -15.51
CA THR A 57 23.26 -3.97 -15.38
C THR A 57 23.88 -2.96 -14.43
N HIS A 58 25.16 -3.12 -14.13
CA HIS A 58 25.92 -2.10 -13.41
C HIS A 58 27.18 -1.85 -14.19
N SER A 59 27.58 -0.59 -14.32
CA SER A 59 28.78 -0.25 -15.15
C SER A 59 30.11 -0.59 -14.47
N VAL A 60 30.10 -0.70 -13.14
CA VAL A 60 31.35 -0.99 -12.42
C VAL A 60 31.16 -2.27 -11.59
N PRO A 61 31.41 -3.43 -12.21
CA PRO A 61 31.09 -4.68 -11.50
C PRO A 61 31.86 -4.89 -10.21
N ARG A 62 33.06 -4.34 -10.09
CA ARG A 62 33.77 -4.35 -8.80
C ARG A 62 34.53 -3.04 -8.79
N LEU A 63 34.51 -2.33 -7.66
CA LEU A 63 35.09 -1.00 -7.59
C LEU A 63 36.60 -1.14 -7.67
N ASN A 64 37.23 -0.43 -8.59
CA ASN A 64 38.68 -0.51 -8.81
C ASN A 64 39.41 0.79 -8.49
N PHE A 65 38.93 1.49 -7.49
CA PHE A 65 39.38 2.84 -7.23
C PHE A 65 40.42 2.93 -6.12
N GLY A 66 40.83 1.80 -5.57
CA GLY A 66 41.80 1.80 -4.49
C GLY A 66 41.51 0.75 -3.44
N SER A 67 42.52 0.46 -2.62
CA SER A 67 42.44 -0.64 -1.67
C SER A 67 41.41 -0.40 -0.56
N ASN A 68 41.07 0.87 -0.28
CA ASN A 68 40.08 1.09 0.78
C ASN A 68 38.67 0.65 0.37
N TYR A 69 38.44 0.49 -0.93
CA TYR A 69 37.15 -0.02 -1.41
C TYR A 69 36.92 -1.49 -1.08
N ASP A 70 37.93 -2.20 -0.58
CA ASP A 70 37.79 -3.57 -0.08
C ASP A 70 37.56 -3.62 1.44
N LEU A 71 37.37 -2.45 2.09
CA LEU A 71 37.09 -2.33 3.53
C LEU A 71 38.07 -3.19 4.34
N PRO A 72 39.36 -2.86 4.24
CA PRO A 72 40.38 -3.73 4.83
C PRO A 72 40.52 -3.60 6.35
N SER A 73 40.08 -2.48 6.92
CA SER A 73 40.45 -2.17 8.29
C SER A 73 39.40 -1.35 9.04
N GLY A 74 38.14 -1.56 8.69
CA GLY A 74 37.07 -0.89 9.39
C GLY A 74 36.89 0.54 8.94
N THR A 75 36.08 1.27 9.72
CA THR A 75 35.76 2.66 9.42
C THR A 75 37.01 3.53 9.46
N PRO A 76 37.08 4.57 8.62
CA PRO A 76 36.01 5.05 7.73
C PRO A 76 35.94 4.39 6.36
N GLY A 77 36.73 3.34 6.15
CA GLY A 77 36.73 2.63 4.87
C GLY A 77 36.78 3.59 3.70
N ALA A 78 35.84 3.43 2.78
CA ALA A 78 35.60 4.42 1.72
C ALA A 78 34.14 4.89 1.78
N TYR A 79 33.55 4.84 2.97
CA TYR A 79 32.19 5.34 3.16
C TYR A 79 32.02 6.74 2.57
N VAL A 80 30.97 6.88 1.74
CA VAL A 80 30.54 8.18 1.17
C VAL A 80 31.60 8.74 0.20
N LYS A 81 32.55 7.92 -0.19
CA LYS A 81 33.46 8.25 -1.28
C LYS A 81 32.95 7.56 -2.54
N GLY A 82 33.83 6.92 -3.30
CA GLY A 82 33.40 6.16 -4.47
C GLY A 82 32.67 6.99 -5.51
N ILE A 83 31.60 6.40 -6.06
CA ILE A 83 30.96 6.96 -7.23
C ILE A 83 29.96 8.05 -6.85
N TRP A 84 30.36 9.28 -7.18
CA TRP A 84 29.49 10.46 -7.08
C TRP A 84 28.85 10.68 -8.45
N ALA A 85 28.40 11.89 -8.75
CA ALA A 85 27.75 12.10 -10.05
C ALA A 85 28.70 11.76 -11.18
N SER A 86 28.25 10.88 -12.06
CA SER A 86 29.05 10.35 -13.16
C SER A 86 28.26 10.40 -14.47
N THR A 87 28.70 9.69 -15.51
CA THR A 87 28.04 9.88 -16.79
C THR A 87 28.16 8.62 -17.64
N LEU A 88 27.15 8.42 -18.51
CA LEU A 88 27.05 7.25 -19.39
C LEU A 88 26.42 7.68 -20.70
N ARG A 89 26.97 7.19 -21.82
CA ARG A 89 26.33 7.35 -23.14
C ARG A 89 26.62 6.14 -24.00
N TYR A 90 25.78 5.93 -25.01
CA TYR A 90 26.00 4.84 -25.95
C TYR A 90 26.58 5.39 -27.26
N ARG A 91 27.69 4.81 -27.69
CA ARG A 91 28.37 5.25 -28.90
C ARG A 91 27.93 4.34 -30.03
N ARG A 92 27.18 4.90 -30.98
CA ARG A 92 26.69 4.11 -32.12
C ARG A 92 27.81 3.57 -33.02
N SER A 93 28.85 4.37 -33.22
CA SER A 93 29.87 3.99 -34.23
C SER A 93 30.60 2.68 -33.91
N ASN A 94 30.77 2.38 -32.62
CA ASN A 94 31.38 1.10 -32.27
C ASN A 94 30.50 0.26 -31.34
N ASP A 95 29.19 0.53 -31.29
CA ASP A 95 28.26 -0.24 -30.46
C ASP A 95 28.78 -0.50 -29.03
N ARG A 96 29.17 0.58 -28.36
CA ARG A 96 29.78 0.49 -27.04
CA ARG A 96 29.81 0.50 -27.06
C ARG A 96 29.24 1.55 -26.10
N PHE A 97 28.94 1.12 -24.89
CA PHE A 97 28.57 2.07 -23.81
C PHE A 97 29.82 2.56 -23.07
N TYR A 98 29.87 3.86 -22.82
CA TYR A 98 30.97 4.49 -22.09
C TYR A 98 30.48 5.10 -20.78
N TRP A 99 31.06 4.68 -19.68
CA TRP A 99 30.78 5.22 -18.36
C TRP A 99 32.02 5.92 -17.86
N TYR A 100 31.91 7.21 -17.51
CA TYR A 100 33.06 7.87 -16.88
C TYR A 100 32.62 8.34 -15.50
N GLY A 101 33.54 8.24 -14.55
CA GLY A 101 33.28 8.81 -13.22
C GLY A 101 34.59 9.18 -12.53
N CYS A 102 34.63 10.36 -11.91
CA CYS A 102 35.79 10.77 -11.12
C CYS A 102 35.66 10.26 -9.71
N VAL A 103 36.67 9.54 -9.23
CA VAL A 103 36.68 9.02 -7.88
C VAL A 103 38.02 9.37 -7.28
N GLU A 104 37.98 10.12 -6.18
CA GLU A 104 39.16 10.57 -5.45
C GLU A 104 40.26 11.08 -6.40
N GLY A 105 39.87 12.03 -7.24
CA GLY A 105 40.82 12.81 -8.02
C GLY A 105 41.28 12.23 -9.36
N ARG A 106 40.82 11.03 -9.73
CA ARG A 106 41.11 10.48 -11.08
C ARG A 106 39.80 10.04 -11.73
N THR A 107 39.76 10.06 -13.07
CA THR A 107 38.56 9.72 -13.78
C THR A 107 38.71 8.34 -14.43
N TYR A 108 37.73 7.47 -14.20
CA TYR A 108 37.80 6.07 -14.63
C TYR A 108 36.79 5.86 -15.74
N LEU A 109 37.21 5.16 -16.81
CA LEU A 109 36.33 4.79 -17.89
C LEU A 109 36.09 3.30 -17.88
N TRP A 110 34.81 2.93 -17.81
CA TRP A 110 34.39 1.54 -17.95
C TRP A 110 33.51 1.42 -19.16
N THR A 111 33.73 0.40 -19.99
CA THR A 111 32.91 0.26 -21.21
C THR A 111 32.33 -1.14 -21.34
N SER A 112 31.25 -1.25 -22.09
CA SER A 112 30.67 -2.54 -22.43
C SER A 112 30.18 -2.52 -23.87
N PRO A 113 30.29 -3.65 -24.58
CA PRO A 113 29.61 -3.72 -25.88
C PRO A 113 28.08 -3.64 -25.68
N GLY A 114 27.36 -3.27 -26.76
CA GLY A 114 25.91 -3.13 -26.71
C GLY A 114 25.10 -4.20 -27.38
N GLY A 115 25.72 -5.30 -27.79
CA GLY A 115 24.99 -6.40 -28.41
C GLY A 115 24.28 -5.98 -29.69
N ASN A 116 24.84 -4.98 -30.38
CA ASN A 116 24.23 -4.45 -31.63
C ASN A 116 22.92 -3.71 -31.35
N ALA A 117 22.89 -2.98 -30.24
CA ALA A 117 21.70 -2.24 -29.85
C ALA A 117 21.18 -1.26 -30.92
N LEU A 118 22.09 -0.55 -31.60
CA LEU A 118 21.70 0.48 -32.58
C LEU A 118 20.85 -0.10 -33.68
N ALA A 119 20.96 -1.40 -33.87
CA ALA A 119 20.28 -2.14 -34.95
C ALA A 119 19.04 -2.89 -34.48
N ASN A 120 18.81 -2.92 -33.18
CA ASN A 120 17.71 -3.69 -32.59
C ASN A 120 16.86 -2.79 -31.71
N ASN A 121 16.61 -1.57 -32.21
CA ASN A 121 15.77 -0.55 -31.54
C ASN A 121 16.17 -0.30 -30.09
N GLY A 122 17.47 -0.47 -29.83
CA GLY A 122 18.06 -0.08 -28.55
C GLY A 122 18.12 -1.18 -27.50
N GLU A 123 17.63 -2.37 -27.82
CA GLU A 123 17.68 -3.51 -26.90
C GLU A 123 19.09 -4.07 -26.76
N VAL A 124 19.53 -4.34 -25.53
CA VAL A 124 20.77 -5.05 -25.30
C VAL A 124 20.40 -6.41 -24.70
N PRO A 125 20.82 -7.52 -25.35
CA PRO A 125 20.50 -8.80 -24.72
C PRO A 125 21.17 -8.91 -23.34
N PRO A 126 20.51 -9.53 -22.35
CA PRO A 126 21.05 -9.60 -20.99
C PRO A 126 22.47 -10.17 -20.93
N SER A 127 22.76 -11.15 -21.79
CA SER A 127 24.09 -11.76 -21.82
CA SER A 127 24.09 -11.77 -21.82
C SER A 127 25.17 -10.87 -22.44
N ALA A 128 24.77 -9.85 -23.20
CA ALA A 128 25.80 -9.04 -23.89
C ALA A 128 26.54 -8.05 -22.98
N TRP A 129 25.95 -7.61 -21.87
CA TRP A 129 26.63 -6.65 -21.00
C TRP A 129 27.89 -7.31 -20.49
N ASN A 130 29.01 -6.60 -20.63
CA ASN A 130 30.29 -7.10 -20.18
C ASN A 130 31.18 -5.91 -19.94
N TRP A 131 31.23 -5.43 -18.70
CA TRP A 131 31.92 -4.16 -18.44
C TRP A 131 33.36 -4.37 -18.05
N GLN A 132 34.25 -3.59 -18.67
CA GLN A 132 35.68 -3.70 -18.34
C GLN A 132 36.24 -2.31 -18.14
N HIS A 133 37.25 -2.21 -17.28
CA HIS A 133 37.98 -0.96 -17.10
C HIS A 133 38.84 -0.67 -18.32
N THR A 134 38.62 0.47 -18.94
CA THR A 134 39.16 0.75 -20.26
C THR A 134 40.25 1.85 -20.20
N ALA A 135 40.09 2.81 -19.30
CA ALA A 135 41.10 3.86 -19.18
C ALA A 135 40.98 4.56 -17.85
N THR A 136 42.05 5.28 -17.49
CA THR A 136 42.03 6.17 -16.35
C THR A 136 42.63 7.48 -16.91
N ILE A 137 41.96 8.58 -16.63
CA ILE A 137 42.41 9.91 -17.01
C ILE A 137 42.86 10.66 -15.74
N ASP A 138 44.03 11.29 -15.76
CA ASP A 138 44.61 11.95 -14.57
C ASP A 138 44.15 13.42 -14.47
N ASN A 139 42.85 13.63 -14.62
CA ASN A 139 42.22 14.89 -14.31
C ASN A 139 40.92 14.49 -13.63
N CYS A 140 40.46 15.28 -12.67
CA CYS A 140 39.20 14.92 -12.04
C CYS A 140 38.06 15.64 -12.72
N TYR A 141 37.22 14.86 -13.40
CA TYR A 141 36.05 15.42 -14.01
C TYR A 141 34.92 15.31 -13.00
N TYR A 142 34.96 16.19 -11.99
CA TYR A 142 33.95 16.21 -10.92
C TYR A 142 32.58 16.53 -11.53
N ASP A 143 31.56 15.71 -11.23
CA ASP A 143 30.24 15.89 -11.81
C ASP A 143 30.28 15.97 -13.35
N ALA A 144 30.74 14.86 -13.92
CA ALA A 144 31.02 14.76 -15.34
C ALA A 144 29.72 14.61 -16.13
N GLY A 145 29.70 15.23 -17.31
CA GLY A 145 28.63 15.04 -18.29
C GLY A 145 29.21 14.83 -19.69
N LEU A 146 29.09 13.58 -20.17
CA LEU A 146 29.60 13.19 -21.48
C LEU A 146 28.64 13.54 -22.60
N LEU A 147 29.20 14.03 -23.72
CA LEU A 147 28.50 14.18 -24.98
C LEU A 147 29.29 13.48 -26.07
N ILE A 148 28.67 12.58 -26.81
CA ILE A 148 29.26 12.11 -28.05
C ILE A 148 28.61 12.91 -29.19
N ASP A 149 29.40 13.80 -29.80
CA ASP A 149 28.90 14.74 -30.78
C ASP A 149 28.53 14.05 -32.11
N ASP A 150 27.83 14.79 -32.97
CA ASP A 150 27.33 14.22 -34.23
C ASP A 150 28.44 13.75 -35.18
N ASP A 151 29.62 14.37 -35.04
CA ASP A 151 30.84 13.95 -35.75
C ASP A 151 31.71 12.90 -35.04
N ASP A 152 31.18 12.33 -33.96
CA ASP A 152 31.81 11.28 -33.15
C ASP A 152 32.98 11.77 -32.28
N THR A 153 33.11 13.08 -32.09
CA THR A 153 34.08 13.58 -31.11
C THR A 153 33.38 13.58 -29.74
N MET A 154 34.11 13.16 -28.71
CA MET A 154 33.61 13.05 -27.36
C MET A 154 34.11 14.22 -26.49
N TYR A 155 33.18 14.80 -25.71
CA TYR A 155 33.44 15.92 -24.80
C TYR A 155 32.89 15.58 -23.44
N ILE A 156 33.54 16.12 -22.40
CA ILE A 156 32.99 16.03 -21.05
C ILE A 156 32.95 17.42 -20.41
N ALA A 157 31.75 17.83 -20.02
CA ALA A 157 31.54 19.01 -19.21
C ALA A 157 31.67 18.58 -17.74
N TYR A 158 32.31 19.42 -16.91
CA TYR A 158 32.51 19.06 -15.51
C TYR A 158 32.82 20.28 -14.69
N GLY A 159 32.78 20.12 -13.37
CA GLY A 159 33.32 21.17 -12.51
C GLY A 159 32.35 21.60 -11.42
N ASN A 160 32.91 22.34 -10.47
CA ASN A 160 32.19 22.98 -9.38
C ASN A 160 33.25 23.89 -8.75
N PRO A 161 32.98 25.20 -8.63
CA PRO A 161 31.73 25.91 -8.82
C PRO A 161 31.49 26.44 -10.23
N THR A 162 32.47 26.26 -11.11
CA THR A 162 32.40 26.73 -12.50
C THR A 162 32.60 25.56 -13.42
N ILE A 163 32.13 25.72 -14.65
CA ILE A 163 32.10 24.59 -15.58
C ILE A 163 33.23 24.68 -16.60
N ASN A 164 33.86 23.53 -16.85
CA ASN A 164 34.89 23.35 -17.90
C ASN A 164 34.42 22.32 -18.94
N VAL A 165 35.02 22.34 -20.12
CA VAL A 165 34.75 21.31 -21.12
C VAL A 165 36.05 20.73 -21.62
N ALA A 166 36.17 19.42 -21.47
CA ALA A 166 37.29 18.67 -22.03
C ALA A 166 36.90 17.99 -23.32
N GLN A 167 37.84 17.97 -24.27
CA GLN A 167 37.73 17.17 -25.46
C GLN A 167 38.56 15.91 -25.26
N LEU A 168 37.98 14.75 -25.56
CA LEU A 168 38.72 13.49 -25.47
C LEU A 168 39.28 13.03 -26.80
N SER A 169 40.23 12.10 -26.72
CA SER A 169 40.80 11.51 -27.92
C SER A 169 39.72 10.67 -28.65
N PRO A 170 39.96 10.34 -29.93
CA PRO A 170 38.95 9.58 -30.65
C PRO A 170 38.49 8.29 -29.94
N ASP A 171 39.40 7.57 -29.28
CA ASP A 171 39.00 6.36 -28.55
C ASP A 171 38.41 6.60 -27.14
N GLY A 172 38.35 7.86 -26.72
CA GLY A 172 37.76 8.24 -25.44
C GLY A 172 38.67 8.02 -24.24
N THR A 173 39.92 7.63 -24.49
CA THR A 173 40.79 7.21 -23.36
C THR A 173 41.73 8.27 -22.80
N ARG A 174 41.88 9.41 -23.49
CA ARG A 174 42.80 10.45 -23.10
C ARG A 174 42.14 11.81 -23.22
N GLN A 175 42.58 12.75 -22.40
CA GLN A 175 42.19 14.14 -22.61
C GLN A 175 43.07 14.77 -23.69
N VAL A 176 42.44 15.45 -24.65
CA VAL A 176 43.19 16.13 -25.74
C VAL A 176 43.31 17.64 -25.45
N ARG A 177 42.25 18.21 -24.90
CA ARG A 177 42.18 19.65 -24.68
C ARG A 177 41.16 19.95 -23.58
N VAL A 178 41.39 21.00 -22.78
CA VAL A 178 40.34 21.53 -21.88
C VAL A 178 40.14 23.02 -22.08
N GLN A 179 38.89 23.45 -22.18
CA GLN A 179 38.57 24.87 -22.03
C GLN A 179 38.06 25.10 -20.61
N GLN A 180 38.76 25.92 -19.85
CA GLN A 180 38.35 26.19 -18.48
C GLN A 180 37.35 27.34 -18.45
N ARG A 181 36.44 27.26 -17.49
CA ARG A 181 35.52 28.35 -17.18
C ARG A 181 34.65 28.71 -18.40
N VAL A 182 34.03 27.71 -19.03
CA VAL A 182 33.07 27.96 -20.12
C VAL A 182 31.80 28.61 -19.58
N TYR A 183 31.54 28.43 -18.28
CA TYR A 183 30.44 29.09 -17.58
C TYR A 183 30.86 29.35 -16.12
N ALA A 184 30.62 30.58 -15.67
CA ALA A 184 30.69 30.93 -14.25
C ALA A 184 29.41 31.72 -13.94
N HIS A 185 28.76 31.42 -12.83
CA HIS A 185 27.54 32.14 -12.48
C HIS A 185 27.93 33.56 -12.17
N PRO A 186 27.20 34.53 -12.74
CA PRO A 186 27.59 35.95 -12.61
C PRO A 186 27.41 36.56 -11.23
N GLN A 187 26.67 35.89 -10.35
CA GLN A 187 26.53 36.36 -8.96
C GLN A 187 27.33 35.46 -8.02
N GLY A 188 28.20 34.64 -8.60
CA GLY A 188 29.10 33.80 -7.80
C GLY A 188 28.46 32.58 -7.16
N GLN A 189 27.22 32.25 -7.56
CA GLN A 189 26.54 31.05 -7.10
C GLN A 189 27.27 29.82 -7.61
N THR A 190 27.32 28.78 -6.77
CA THR A 190 27.88 27.50 -7.16
C THR A 190 26.98 26.74 -8.12
N VAL A 191 27.53 26.30 -9.24
CA VAL A 191 26.86 25.28 -10.02
C VAL A 191 27.68 23.99 -10.14
N GLU A 192 27.00 22.89 -10.40
CA GLU A 192 27.63 21.57 -10.56
C GLU A 192 26.64 20.66 -11.31
N GLY A 193 26.88 19.35 -11.31
CA GLY A 193 25.92 18.41 -11.91
C GLY A 193 25.77 18.43 -13.41
N ALA A 194 26.81 18.85 -14.16
CA ALA A 194 26.77 18.93 -15.61
C ALA A 194 26.24 17.69 -16.34
N ARG A 195 25.34 17.95 -17.28
CA ARG A 195 24.96 16.99 -18.32
C ARG A 195 25.11 17.74 -19.63
N MET A 196 25.62 17.11 -20.68
CA MET A 196 25.93 17.83 -21.92
C MET A 196 25.17 17.25 -23.14
N TYR A 197 24.67 18.15 -24.00
CA TYR A 197 23.79 17.74 -25.11
C TYR A 197 24.11 18.48 -26.40
N LYS A 198 23.86 17.81 -27.50
CA LYS A 198 23.87 18.44 -28.83
C LYS A 198 22.46 18.27 -29.35
N ILE A 199 21.76 19.39 -29.51
CA ILE A 199 20.36 19.40 -29.93
C ILE A 199 20.14 20.37 -31.08
N ARG A 200 19.70 19.83 -32.23
CA ARG A 200 19.47 20.60 -33.46
C ARG A 200 20.54 21.67 -33.75
N GLY A 201 21.80 21.26 -33.72
CA GLY A 201 22.89 22.12 -34.13
C GLY A 201 23.54 22.92 -33.02
N ASN A 202 22.95 22.88 -31.82
CA ASN A 202 23.43 23.68 -30.70
C ASN A 202 23.93 22.85 -29.52
N TYR A 203 24.79 23.43 -28.71
CA TYR A 203 25.31 22.75 -27.52
C TYR A 203 24.66 23.29 -26.27
N TYR A 204 24.16 22.37 -25.45
CA TYR A 204 23.52 22.70 -24.19
C TYR A 204 24.23 21.96 -23.06
N ILE A 205 24.28 22.62 -21.91
CA ILE A 205 24.75 21.97 -20.68
C ILE A 205 23.72 22.27 -19.61
N LEU A 206 23.23 21.23 -18.94
CA LEU A 206 22.37 21.42 -17.78
C LEU A 206 23.22 21.39 -16.52
N VAL A 207 22.99 22.35 -15.64
CA VAL A 207 23.69 22.38 -14.35
C VAL A 207 22.70 22.64 -13.22
N THR A 208 23.07 22.22 -12.02
CA THR A 208 22.27 22.49 -10.83
C THR A 208 22.95 23.52 -9.95
N ARG A 209 22.12 24.35 -9.30
CA ARG A 209 22.55 25.12 -8.14
C ARG A 209 22.11 24.33 -6.90
N PRO A 210 23.06 23.69 -6.20
CA PRO A 210 22.62 22.83 -5.10
C PRO A 210 21.87 23.62 -4.03
N ALA A 211 20.72 23.14 -3.57
CA ALA A 211 20.03 21.92 -4.05
C ALA A 211 18.65 22.25 -4.55
N ASP A 212 18.48 23.43 -5.14
CA ASP A 212 17.12 23.92 -5.36
C ASP A 212 16.82 24.43 -6.77
N ALA A 213 17.80 24.42 -7.66
CA ALA A 213 17.60 24.99 -9.00
C ALA A 213 18.35 24.23 -10.05
N GLU A 214 17.83 24.29 -11.27
CA GLU A 214 18.50 23.77 -12.46
C GLU A 214 18.57 24.91 -13.49
N TYR A 215 19.75 25.10 -14.08
CA TYR A 215 19.93 26.06 -15.17
C TYR A 215 20.20 25.33 -16.46
N VAL A 216 19.72 25.91 -17.55
CA VAL A 216 20.10 25.41 -18.86
C VAL A 216 21.10 26.38 -19.46
N LEU A 217 22.27 25.88 -19.85
CA LEU A 217 23.28 26.71 -20.52
C LEU A 217 23.29 26.37 -22.00
N ARG A 218 23.53 27.38 -22.84
CA ARG A 218 23.63 27.18 -24.30
C ARG A 218 24.86 27.93 -24.82
N SER A 219 25.58 27.28 -25.73
CA SER A 219 26.82 27.87 -26.25
C SER A 219 26.47 29.07 -27.11
N THR A 220 27.15 30.18 -26.86
CA THR A 220 26.85 31.43 -27.58
C THR A 220 27.51 31.46 -28.98
N THR A 221 28.50 30.58 -29.19
CA THR A 221 29.31 30.57 -30.41
C THR A 221 28.97 29.41 -31.32
N GLY A 222 28.21 28.48 -30.79
CA GLY A 222 27.93 27.23 -31.51
C GLY A 222 29.08 26.23 -31.41
N SER A 223 30.14 26.58 -30.66
CA SER A 223 31.22 25.64 -30.31
C SER A 223 30.91 24.88 -29.02
N PRO A 224 31.34 23.62 -28.91
CA PRO A 224 31.20 22.91 -27.64
C PRO A 224 31.97 23.58 -26.50
N PHE A 225 32.98 24.38 -26.82
CA PHE A 225 33.76 25.06 -25.81
C PHE A 225 33.12 26.37 -25.38
N GLY A 226 31.99 26.74 -26.01
CA GLY A 226 31.26 27.92 -25.57
C GLY A 226 31.95 29.22 -25.95
N PRO A 227 31.92 30.23 -25.07
CA PRO A 227 31.31 30.28 -23.73
C PRO A 227 29.80 30.05 -23.75
N TYR A 228 29.24 29.83 -22.57
CA TYR A 228 27.83 29.53 -22.45
C TYR A 228 27.10 30.62 -21.73
N GLU A 229 25.84 30.83 -22.12
CA GLU A 229 24.92 31.70 -21.39
C GLU A 229 23.80 30.85 -20.77
N ALA A 230 23.15 31.37 -19.73
CA ALA A 230 22.19 30.58 -18.94
C ALA A 230 20.76 31.13 -18.97
N ARG A 231 19.80 30.23 -18.80
CA ARG A 231 18.44 30.55 -18.40
C ARG A 231 18.06 29.59 -17.28
N THR A 232 17.09 29.98 -16.46
CA THR A 232 16.57 29.08 -15.44
C THR A 232 15.68 28.00 -16.07
N LEU A 233 15.88 26.77 -15.68
CA LEU A 233 14.93 25.71 -16.04
C LEU A 233 13.92 25.52 -14.91
N VAL A 234 14.42 25.33 -13.69
CA VAL A 234 13.56 25.38 -12.51
C VAL A 234 14.29 26.08 -11.40
N SER A 235 13.55 26.77 -10.55
CA SER A 235 14.18 27.34 -9.35
C SER A 235 13.17 27.32 -8.25
N ARG A 236 13.45 26.51 -7.24
CA ARG A 236 12.59 26.34 -6.06
C ARG A 236 11.16 26.06 -6.50
N ILE A 237 11.00 25.22 -7.54
CA ILE A 237 9.66 24.81 -8.00
C ILE A 237 8.96 23.96 -6.93
N GLN A 238 7.65 24.15 -6.76
CA GLN A 238 6.87 23.34 -5.83
C GLN A 238 6.37 22.06 -6.51
N GLY A 239 6.23 20.98 -5.73
CA GLY A 239 5.80 19.68 -6.25
C GLY A 239 6.94 18.87 -6.87
N PRO A 240 6.69 17.62 -7.21
CA PRO A 240 5.38 16.99 -7.12
C PRO A 240 5.17 16.18 -5.85
N LEU A 241 6.13 16.25 -4.92
CA LEU A 241 6.05 15.48 -3.69
C LEU A 241 6.36 16.41 -2.52
N ALA A 242 5.65 16.28 -1.40
CA ALA A 242 5.93 17.09 -0.22
C ALA A 242 7.13 16.56 0.57
N ASN A 243 7.79 17.45 1.32
CA ASN A 243 8.83 17.05 2.29
C ASN A 243 9.98 16.30 1.67
N ALA A 244 10.34 16.72 0.45
CA ALA A 244 11.35 16.00 -0.34
C ALA A 244 12.26 16.99 -1.06
N GLY A 245 12.49 18.13 -0.42
CA GLY A 245 13.30 19.18 -1.03
C GLY A 245 12.71 19.64 -2.35
N PHE A 246 13.61 19.95 -3.27
CA PHE A 246 13.24 20.46 -4.58
C PHE A 246 13.74 19.58 -5.68
N ALA A 247 12.92 19.46 -6.72
CA ALA A 247 13.33 18.83 -7.98
C ALA A 247 14.51 19.57 -8.57
N HIS A 248 15.61 18.83 -8.81
CA HIS A 248 16.81 19.45 -9.38
C HIS A 248 17.73 18.42 -9.93
N GLN A 249 18.79 18.89 -10.62
CA GLN A 249 19.82 18.04 -11.20
C GLN A 249 19.16 17.10 -12.25
N GLY A 250 19.70 15.92 -12.50
CA GLY A 250 19.06 15.07 -13.53
C GLY A 250 19.44 15.52 -14.93
N GLY A 251 18.60 15.19 -15.90
CA GLY A 251 18.92 15.52 -17.30
C GLY A 251 17.70 15.49 -18.16
N ILE A 252 17.90 15.77 -19.44
CA ILE A 252 16.79 15.83 -20.37
C ILE A 252 16.98 14.78 -21.46
N VAL A 253 15.87 14.35 -22.07
CA VAL A 253 15.91 13.24 -23.01
C VAL A 253 14.72 13.35 -23.96
N ASP A 254 14.94 12.94 -25.21
CA ASP A 254 13.93 12.97 -26.25
C ASP A 254 13.24 11.62 -26.32
N ALA A 255 11.93 11.62 -26.45
CA ALA A 255 11.18 10.38 -26.75
C ALA A 255 11.18 10.13 -28.27
N PRO A 256 10.81 8.92 -28.68
CA PRO A 256 10.80 8.65 -30.12
C PRO A 256 9.93 9.62 -30.93
N ASP A 257 8.89 10.20 -30.33
CA ASP A 257 8.02 11.16 -31.05
C ASP A 257 8.63 12.56 -31.16
N GLY A 258 9.86 12.74 -30.66
CA GLY A 258 10.55 14.04 -30.71
C GLY A 258 10.29 14.98 -29.54
N THR A 259 9.40 14.59 -28.64
CA THR A 259 9.08 15.42 -27.49
C THR A 259 10.13 15.19 -26.42
N TRP A 260 10.51 16.26 -25.73
CA TRP A 260 11.53 16.21 -24.71
C TRP A 260 10.97 16.19 -23.31
N HIS A 261 11.71 15.59 -22.39
CA HIS A 261 11.29 15.45 -21.00
C HIS A 261 12.44 15.75 -20.07
N TYR A 262 12.13 16.33 -18.92
CA TYR A 262 13.16 16.62 -17.91
C TYR A 262 12.98 15.56 -16.79
N VAL A 263 14.04 14.80 -16.53
CA VAL A 263 14.02 13.80 -15.46
C VAL A 263 14.90 14.37 -14.38
N ALA A 264 14.31 14.77 -13.27
CA ALA A 264 15.08 15.37 -12.16
C ALA A 264 15.00 14.43 -10.97
N PHE A 265 15.64 14.76 -9.84
CA PHE A 265 15.30 13.98 -8.66
C PHE A 265 14.96 14.87 -7.49
N MET A 266 14.29 14.27 -6.50
CA MET A 266 13.86 14.90 -5.26
CA MET A 266 13.97 14.98 -5.29
C MET A 266 14.74 14.41 -4.11
N ASP A 267 14.95 15.26 -3.11
CA ASP A 267 15.60 14.86 -1.84
C ASP A 267 14.61 14.20 -0.86
N ALA A 268 14.14 13.02 -1.22
CA ALA A 268 13.08 12.35 -0.49
C ALA A 268 13.61 11.51 0.68
N TYR A 269 14.50 12.09 1.48
CA TYR A 269 15.00 11.47 2.71
C TYR A 269 13.81 11.27 3.66
N PRO A 270 13.78 10.14 4.41
CA PRO A 270 14.87 9.17 4.60
C PRO A 270 15.00 8.06 3.55
N GLY A 271 14.16 8.07 2.53
CA GLY A 271 14.25 7.07 1.49
C GLY A 271 15.40 7.23 0.52
N GLY A 272 15.84 8.46 0.31
CA GLY A 272 16.88 8.76 -0.69
C GLY A 272 16.37 9.69 -1.79
N ARG A 273 17.06 9.67 -2.91
CA ARG A 273 16.84 10.64 -3.98
C ARG A 273 16.21 9.92 -5.15
N ILE A 274 15.00 10.34 -5.50
CA ILE A 274 14.13 9.59 -6.38
C ILE A 274 13.70 10.42 -7.60
N PRO A 275 13.51 9.76 -8.75
CA PRO A 275 13.27 10.52 -9.97
C PRO A 275 11.82 10.96 -10.18
N VAL A 276 11.69 12.17 -10.73
CA VAL A 276 10.39 12.73 -11.16
C VAL A 276 10.57 13.21 -12.60
N VAL A 277 9.46 13.20 -13.37
CA VAL A 277 9.48 13.49 -14.81
C VAL A 277 8.46 14.58 -15.14
N ALA A 278 8.89 15.56 -15.94
CA ALA A 278 7.96 16.55 -16.54
C ALA A 278 8.22 16.73 -18.05
N PRO A 279 7.19 17.06 -18.82
CA PRO A 279 7.44 17.42 -20.21
C PRO A 279 8.16 18.79 -20.33
N LEU A 280 8.91 18.93 -21.42
CA LEU A 280 9.48 20.19 -21.85
C LEU A 280 8.81 20.72 -23.10
N ARG A 281 8.75 22.05 -23.23
CA ARG A 281 8.45 22.68 -24.51
C ARG A 281 9.70 23.48 -24.91
N TRP A 282 9.84 23.75 -26.19
CA TRP A 282 10.93 24.57 -26.67
C TRP A 282 10.40 25.91 -27.07
N THR A 283 11.09 26.96 -26.65
CA THR A 283 10.76 28.30 -27.10
C THR A 283 11.12 28.48 -28.58
N ALA A 284 10.52 29.48 -29.21
CA ALA A 284 10.87 29.81 -30.59
C ALA A 284 12.33 30.23 -30.67
N ASP A 285 12.86 30.86 -29.61
CA ASP A 285 14.27 31.26 -29.64
C ASP A 285 15.28 30.16 -29.21
N GLY A 286 14.79 28.93 -29.04
CA GLY A 286 15.67 27.75 -28.90
C GLY A 286 16.07 27.37 -27.48
N TRP A 287 15.16 27.55 -26.52
CA TRP A 287 15.44 27.16 -25.15
C TRP A 287 14.37 26.24 -24.63
N PRO A 288 14.73 25.29 -23.74
CA PRO A 288 13.70 24.40 -23.19
C PRO A 288 13.06 25.01 -21.94
N GLU A 289 11.78 24.71 -21.74
CA GLU A 289 11.04 25.12 -20.54
C GLU A 289 10.20 23.99 -20.00
N VAL A 290 10.12 23.87 -18.67
CA VAL A 290 9.27 22.84 -18.04
C VAL A 290 7.80 23.20 -18.22
N VAL A 291 7.02 22.23 -18.68
CA VAL A 291 5.57 22.34 -18.70
C VAL A 291 5.07 22.02 -17.28
N THR A 292 4.50 23.03 -16.62
CA THR A 292 4.00 22.90 -15.25
C THR A 292 2.52 22.50 -15.24
N ASP A 293 1.99 22.22 -14.05
CA ASP A 293 0.54 22.13 -13.89
C ASP A 293 -0.10 23.52 -13.91
N SER A 294 -1.42 23.57 -13.78
CA SER A 294 -2.15 24.84 -13.90
C SER A 294 -1.82 25.83 -12.76
N GLN A 295 -1.18 25.33 -11.71
CA GLN A 295 -0.76 26.13 -10.57
C GLN A 295 0.74 26.47 -10.57
N GLY A 296 1.45 26.17 -11.66
CA GLY A 296 2.89 26.43 -11.72
C GLY A 296 3.76 25.44 -10.96
N ARG A 297 3.18 24.33 -10.53
CA ARG A 297 3.93 23.29 -9.84
C ARG A 297 4.44 22.25 -10.83
N TRP A 298 5.48 21.53 -10.42
CA TRP A 298 5.85 20.30 -11.09
C TRP A 298 4.69 19.35 -10.88
N GLY A 299 4.07 18.93 -11.97
CA GLY A 299 2.80 18.21 -11.87
C GLY A 299 2.91 16.84 -11.24
N THR A 300 1.84 16.45 -10.53
CA THR A 300 1.78 15.11 -9.95
C THR A 300 1.48 14.04 -11.01
N SER A 301 0.82 14.45 -12.09
CA SER A 301 0.59 13.53 -13.24
C SER A 301 0.72 14.25 -14.55
N TYR A 302 1.18 13.50 -15.55
CA TYR A 302 1.34 14.01 -16.90
C TYR A 302 0.99 12.93 -17.91
N PRO A 303 0.78 13.31 -19.19
CA PRO A 303 0.60 12.28 -20.24
C PRO A 303 1.81 11.34 -20.33
N ILE A 304 1.55 10.10 -20.70
CA ILE A 304 2.60 9.11 -20.78
C ILE A 304 3.58 9.52 -21.92
N PRO A 305 4.89 9.47 -21.67
CA PRO A 305 5.81 9.97 -22.73
C PRO A 305 5.84 9.13 -24.00
N VAL A 306 5.53 7.85 -23.86
CA VAL A 306 5.46 6.95 -25.01
C VAL A 306 4.15 6.18 -24.94
N ARG A 307 3.40 6.19 -26.04
CA ARG A 307 2.08 5.55 -26.13
C ARG A 307 2.25 4.14 -26.64
N GLY A 308 1.52 3.19 -26.06
CA GLY A 308 1.59 1.79 -26.47
C GLY A 308 2.99 1.20 -26.32
N ALA A 309 3.67 1.61 -25.26
CA ALA A 309 5.04 1.15 -25.01
C ALA A 309 5.10 -0.32 -24.63
N LYS A 310 6.19 -0.96 -25.00
CA LYS A 310 6.50 -2.31 -24.55
C LYS A 310 6.49 -2.40 -23.02
N ASN A 311 6.00 -3.52 -22.49
CA ASN A 311 5.89 -3.72 -21.06
C ASN A 311 6.85 -4.81 -20.57
N ALA A 312 7.52 -5.47 -21.51
CA ALA A 312 8.39 -6.60 -21.22
C ALA A 312 9.47 -6.24 -20.20
N THR A 313 9.82 -7.22 -19.37
CA THR A 313 10.84 -7.00 -18.35
C THR A 313 11.88 -8.12 -18.31
N GLU A 314 13.11 -7.75 -17.99
CA GLU A 314 14.20 -8.69 -17.75
C GLU A 314 14.35 -8.94 -16.26
N GLY A 315 14.45 -10.21 -15.89
CA GLY A 315 14.82 -10.60 -14.53
C GLY A 315 13.79 -10.26 -13.48
N LEU A 316 14.20 -10.34 -12.22
CA LEU A 316 13.30 -10.20 -11.10
C LEU A 316 12.89 -8.74 -10.87
N ALA A 317 11.59 -8.50 -10.66
CA ALA A 317 11.13 -7.17 -10.23
C ALA A 317 11.49 -6.87 -8.77
N SER A 318 11.45 -5.59 -8.38
CA SER A 318 11.82 -5.20 -7.01
C SER A 318 11.09 -5.98 -5.92
N THR A 319 9.82 -6.30 -6.16
CA THR A 319 8.99 -6.95 -5.15
C THR A 319 8.88 -8.46 -5.36
N ASP A 320 9.57 -8.99 -6.38
CA ASP A 320 9.57 -10.44 -6.62
C ASP A 320 10.36 -11.21 -5.57
N LEU A 321 9.84 -12.35 -5.16
CA LEU A 321 10.61 -13.28 -4.32
C LEU A 321 11.93 -13.64 -5.00
N ASP A 322 13.01 -13.49 -4.25
CA ASP A 322 14.35 -13.84 -4.73
C ASP A 322 14.90 -14.95 -3.86
N GLU A 323 15.04 -16.11 -4.48
CA GLU A 323 15.57 -17.28 -3.77
C GLU A 323 17.04 -17.57 -4.13
N PHE A 324 17.72 -16.57 -4.67
CA PHE A 324 19.16 -16.62 -4.93
C PHE A 324 19.52 -17.83 -5.78
N ARG A 325 18.81 -17.92 -6.90
CA ARG A 325 19.00 -18.99 -7.87
C ARG A 325 19.98 -18.59 -8.95
N GLY A 326 20.57 -19.58 -9.62
CA GLY A 326 21.47 -19.31 -10.74
C GLY A 326 22.85 -18.89 -10.31
N THR A 327 23.59 -18.25 -11.21
CA THR A 327 25.02 -18.03 -11.01
C THR A 327 25.38 -16.60 -10.60
N ARG A 328 24.42 -15.69 -10.73
CA ARG A 328 24.65 -14.26 -10.53
C ARG A 328 23.55 -13.69 -9.68
N PHE A 329 23.84 -12.59 -8.99
CA PHE A 329 22.82 -11.84 -8.28
C PHE A 329 21.89 -11.12 -9.26
N SER A 330 20.65 -10.95 -8.85
CA SER A 330 19.79 -10.00 -9.53
C SER A 330 20.41 -8.59 -9.45
N GLU A 331 19.89 -7.70 -10.28
CA GLU A 331 20.46 -6.37 -10.41
C GLU A 331 20.09 -5.49 -9.22
N HIS A 332 19.26 -6.01 -8.31
CA HIS A 332 18.86 -5.23 -7.13
C HIS A 332 19.88 -5.21 -6.00
N TRP A 333 20.80 -6.17 -5.98
CA TRP A 333 21.72 -6.31 -4.84
C TRP A 333 23.02 -5.63 -5.05
N GLU A 334 23.50 -5.01 -3.97
CA GLU A 334 24.84 -4.41 -3.94
C GLU A 334 25.45 -4.60 -2.57
N TRP A 335 26.72 -4.97 -2.55
CA TRP A 335 27.43 -5.12 -1.30
C TRP A 335 27.82 -3.78 -0.72
N ASN A 336 27.96 -3.69 0.60
CA ASN A 336 28.59 -2.53 1.25
C ASN A 336 30.12 -2.67 1.10
N HIS A 337 30.73 -1.86 0.23
CA HIS A 337 32.14 -2.04 -0.22
C HIS A 337 32.31 -3.32 -1.05
N ASN A 338 33.44 -3.50 -1.71
CA ASN A 338 33.65 -4.72 -2.48
C ASN A 338 33.59 -5.93 -1.56
N PRO A 339 32.98 -7.01 -2.05
CA PRO A 339 32.89 -8.22 -1.27
C PRO A 339 34.23 -9.00 -1.25
N ASP A 340 34.42 -9.80 -0.21
CA ASP A 340 35.45 -10.85 -0.22
C ASP A 340 34.83 -12.07 -0.92
N THR A 341 35.26 -12.30 -2.16
CA THR A 341 34.63 -13.33 -2.95
C THR A 341 34.94 -14.75 -2.49
N SER A 342 35.94 -14.91 -1.63
CA SER A 342 36.29 -16.22 -1.11
C SER A 342 35.31 -16.63 0.01
N LYS A 343 34.46 -15.70 0.43
CA LYS A 343 33.63 -15.85 1.62
C LYS A 343 32.13 -15.89 1.36
N PHE A 344 31.71 -15.82 0.09
CA PHE A 344 30.30 -16.08 -0.25
C PHE A 344 30.18 -16.99 -1.46
N THR A 345 29.06 -17.69 -1.56
CA THR A 345 28.81 -18.51 -2.76
C THR A 345 27.33 -18.55 -3.02
N LEU A 346 26.94 -18.43 -4.28
CA LEU A 346 25.60 -18.73 -4.73
C LEU A 346 25.58 -20.22 -5.09
N LEU A 347 24.69 -20.99 -4.46
CA LEU A 347 24.75 -22.48 -4.48
C LEU A 347 24.27 -23.15 -5.75
N GLY A 348 23.41 -22.45 -6.49
CA GLY A 348 22.81 -23.03 -7.71
C GLY A 348 21.96 -24.24 -7.40
N GLY A 349 21.85 -25.15 -8.36
CA GLY A 349 20.97 -26.32 -8.18
C GLY A 349 19.50 -25.96 -8.06
N ASN A 350 18.70 -26.88 -7.52
CA ASN A 350 17.24 -26.72 -7.51
C ASN A 350 16.77 -25.59 -6.60
N GLU A 351 17.46 -25.41 -5.48
CA GLU A 351 16.98 -24.52 -4.44
C GLU A 351 17.69 -23.17 -4.46
N GLY A 352 18.88 -23.09 -5.04
CA GLY A 352 19.67 -21.87 -4.92
C GLY A 352 20.08 -21.63 -3.47
N GLY A 353 20.16 -20.36 -3.09
CA GLY A 353 20.64 -19.99 -1.78
C GLY A 353 21.99 -19.32 -1.85
N LEU A 354 22.17 -18.37 -0.93
CA LEU A 354 23.41 -17.64 -0.78
C LEU A 354 24.12 -18.02 0.52
N ILE A 355 25.34 -18.53 0.43
CA ILE A 355 26.16 -18.78 1.63
C ILE A 355 26.99 -17.54 1.95
N LEU A 356 26.81 -17.00 3.15
CA LEU A 356 27.67 -15.93 3.68
C LEU A 356 28.54 -16.52 4.77
N ARG A 357 29.83 -16.74 4.47
CA ARG A 357 30.79 -17.09 5.51
C ARG A 357 31.29 -15.84 6.20
N THR A 358 31.42 -15.86 7.52
CA THR A 358 32.00 -14.66 8.16
C THR A 358 33.35 -14.26 7.51
N ALA A 359 33.50 -12.99 7.21
CA ALA A 359 34.67 -12.52 6.48
C ALA A 359 35.53 -11.57 7.30
N THR A 360 35.00 -11.07 8.42
CA THR A 360 35.70 -10.08 9.25
C THR A 360 35.47 -10.39 10.73
N VAL A 361 36.53 -10.27 11.51
CA VAL A 361 36.43 -10.32 12.98
C VAL A 361 36.39 -8.89 13.47
N THR A 362 35.27 -8.52 14.09
CA THR A 362 35.01 -7.15 14.53
C THR A 362 33.83 -7.14 15.52
N GLY A 363 33.78 -6.11 16.38
CA GLY A 363 32.57 -5.80 17.17
C GLY A 363 31.68 -4.79 16.48
N ASP A 364 32.11 -4.35 15.29
CA ASP A 364 31.53 -3.16 14.64
C ASP A 364 30.90 -3.59 13.31
N LEU A 365 29.56 -3.59 13.22
CA LEU A 365 28.89 -3.90 11.93
C LEU A 365 29.44 -3.07 10.75
N PHE A 366 29.81 -1.81 11.01
CA PHE A 366 30.29 -0.98 9.88
C PHE A 366 31.67 -1.40 9.36
N ALA A 367 32.39 -2.22 10.13
CA ALA A 367 33.68 -2.72 9.67
C ALA A 367 33.53 -4.07 8.98
N ALA A 368 32.34 -4.66 9.03
CA ALA A 368 32.17 -6.04 8.49
C ALA A 368 32.13 -6.07 6.98
N ARG A 369 32.87 -6.99 6.37
CA ARG A 369 32.78 -7.20 4.92
C ARG A 369 31.57 -8.08 4.67
N ASN A 370 31.09 -8.00 3.43
CA ASN A 370 30.04 -8.89 2.93
C ASN A 370 28.67 -8.67 3.56
N THR A 371 28.33 -7.42 3.81
CA THR A 371 26.95 -7.03 4.05
C THR A 371 26.27 -6.75 2.69
N LEU A 372 25.21 -7.49 2.38
CA LEU A 372 24.55 -7.43 1.07
C LEU A 372 23.31 -6.57 1.24
N THR A 373 23.16 -5.56 0.39
CA THR A 373 22.11 -4.55 0.56
C THR A 373 21.26 -4.37 -0.67
N ARG A 374 20.12 -3.73 -0.46
CA ARG A 374 19.25 -3.35 -1.56
C ARG A 374 18.34 -2.19 -1.15
N ARG A 375 17.88 -1.47 -2.16
CA ARG A 375 17.08 -0.24 -1.98
C ARG A 375 15.70 -0.57 -1.44
N ILE A 376 15.19 0.30 -0.58
CA ILE A 376 13.81 0.20 -0.08
C ILE A 376 12.90 0.98 -1.05
N ALA A 377 11.79 0.36 -1.47
CA ALA A 377 10.82 1.08 -2.29
C ALA A 377 9.82 1.80 -1.38
N GLY A 378 9.44 3.01 -1.76
CA GLY A 378 8.61 3.83 -0.90
C GLY A 378 7.17 3.92 -1.36
N PRO A 379 6.33 4.50 -0.52
CA PRO A 379 6.75 5.15 0.74
C PRO A 379 6.97 4.23 1.94
N LYS A 380 6.42 3.00 1.89
CA LYS A 380 6.57 2.03 3.00
C LYS A 380 6.70 0.63 2.44
N ALA A 381 7.63 -0.14 2.99
CA ALA A 381 7.87 -1.51 2.53
C ALA A 381 8.38 -2.39 3.63
N SER A 382 8.06 -3.67 3.50
CA SER A 382 8.52 -4.67 4.43
C SER A 382 9.56 -5.50 3.70
N GLY A 383 10.74 -5.71 4.32
CA GLY A 383 11.75 -6.60 3.72
C GLY A 383 11.90 -7.83 4.60
N ILE A 384 11.76 -9.01 4.02
CA ILE A 384 11.81 -10.26 4.76
C ILE A 384 12.93 -11.16 4.25
N PHE A 385 13.87 -11.49 5.14
CA PHE A 385 14.95 -12.42 4.86
C PHE A 385 14.66 -13.77 5.51
N ARG A 386 14.90 -14.85 4.77
CA ARG A 386 14.71 -16.21 5.26
C ARG A 386 16.10 -16.86 5.32
N LEU A 387 16.49 -17.32 6.51
CA LEU A 387 17.86 -17.83 6.75
C LEU A 387 17.91 -19.19 7.38
N ASP A 388 18.97 -19.93 7.07
CA ASP A 388 19.36 -21.11 7.86
C ASP A 388 20.65 -20.73 8.62
N VAL A 389 20.60 -20.67 9.94
CA VAL A 389 21.75 -20.16 10.70
C VAL A 389 22.47 -21.23 11.53
N ARG A 390 22.24 -22.50 11.20
CA ARG A 390 22.86 -23.61 11.93
C ARG A 390 24.38 -23.55 11.90
N GLY A 391 24.94 -22.97 10.84
CA GLY A 391 26.40 -22.88 10.67
C GLY A 391 27.10 -21.79 11.46
N MET A 392 26.33 -21.01 12.24
CA MET A 392 26.99 -19.99 13.09
C MET A 392 27.92 -20.60 14.12
N ARG A 393 29.02 -19.92 14.38
CA ARG A 393 29.99 -20.36 15.40
C ARG A 393 30.04 -19.35 16.55
N ASP A 394 30.66 -19.74 17.67
CA ASP A 394 30.78 -18.85 18.83
C ASP A 394 31.28 -17.42 18.45
N GLY A 395 30.50 -16.43 18.86
CA GLY A 395 30.78 -15.02 18.63
C GLY A 395 30.18 -14.47 17.36
N ASP A 396 29.53 -15.30 16.54
CA ASP A 396 28.97 -14.82 15.28
C ASP A 396 27.71 -14.00 15.49
N ARG A 397 27.53 -13.00 14.64
CA ARG A 397 26.37 -12.14 14.67
C ARG A 397 25.88 -12.05 13.22
N ALA A 398 24.63 -12.41 12.97
CA ALA A 398 24.10 -12.36 11.61
C ALA A 398 22.66 -11.83 11.66
N GLY A 399 22.20 -11.24 10.57
CA GLY A 399 20.79 -10.79 10.55
C GLY A 399 20.38 -9.82 9.47
N ALA A 400 19.26 -9.17 9.74
CA ALA A 400 18.65 -8.26 8.81
C ALA A 400 18.77 -6.83 9.35
N VAL A 401 19.48 -5.99 8.61
CA VAL A 401 19.78 -4.66 9.03
C VAL A 401 19.08 -3.61 8.19
N LEU A 402 18.60 -2.58 8.89
CA LEU A 402 18.16 -1.33 8.30
C LEU A 402 19.42 -0.49 8.24
N PHE A 403 20.04 -0.43 7.05
CA PHE A 403 21.43 -0.02 6.95
C PHE A 403 21.60 1.40 6.44
N ARG A 404 22.33 2.18 7.21
CA ARG A 404 22.74 3.53 6.87
C ARG A 404 23.68 3.98 8.00
N ASP A 405 23.98 5.28 8.05
CA ASP A 405 24.84 5.83 9.09
C ASP A 405 24.23 5.84 10.51
N ARG A 406 22.89 5.76 10.61
CA ARG A 406 22.21 5.44 11.88
C ARG A 406 21.40 4.20 11.62
N ALA A 407 21.81 3.09 12.22
CA ALA A 407 21.29 1.77 11.83
C ALA A 407 20.72 0.96 13.00
N ALA A 408 19.97 -0.10 12.68
CA ALA A 408 19.45 -1.04 13.67
C ALA A 408 19.24 -2.33 12.95
N TYR A 409 19.19 -3.42 13.71
CA TYR A 409 18.98 -4.73 13.12
C TYR A 409 18.25 -5.69 14.04
N ILE A 410 17.67 -6.73 13.42
CA ILE A 410 17.18 -7.87 14.18
C ILE A 410 18.00 -9.06 13.66
N GLY A 411 18.48 -9.91 14.55
CA GLY A 411 19.36 -10.97 14.11
C GLY A 411 19.57 -12.02 15.16
N VAL A 412 20.59 -12.84 14.90
CA VAL A 412 20.91 -13.95 15.77
C VAL A 412 22.34 -13.77 16.25
N TRP A 413 22.51 -13.90 17.57
CA TRP A 413 23.82 -13.94 18.21
C TRP A 413 24.06 -15.37 18.70
N LYS A 414 25.18 -15.92 18.27
CA LYS A 414 25.65 -17.23 18.75
C LYS A 414 26.74 -16.98 19.81
N GLN A 415 26.47 -17.36 21.05
CA GLN A 415 27.48 -17.29 22.12
C GLN A 415 27.59 -18.66 22.75
N GLY A 416 28.79 -19.23 22.72
CA GLY A 416 28.95 -20.62 23.14
C GLY A 416 28.01 -21.50 22.34
N ASN A 417 27.21 -22.28 23.05
CA ASN A 417 26.27 -23.19 22.41
C ASN A 417 24.86 -22.59 22.30
N GLU A 418 24.70 -21.34 22.71
CA GLU A 418 23.38 -20.66 22.67
C GLU A 418 23.26 -19.80 21.41
N ALA A 419 22.19 -19.99 20.63
CA ALA A 419 21.81 -19.02 19.61
C ALA A 419 20.52 -18.36 20.05
N ARG A 420 20.47 -17.05 19.95
CA ARG A 420 19.27 -16.34 20.31
C ARG A 420 19.04 -15.14 19.42
N ILE A 421 17.78 -14.78 19.32
CA ILE A 421 17.39 -13.60 18.56
C ILE A 421 17.58 -12.36 19.40
N VAL A 422 18.12 -11.31 18.79
CA VAL A 422 18.31 -10.00 19.43
C VAL A 422 17.88 -8.89 18.47
N MET A 423 17.48 -7.76 19.05
CA MET A 423 17.30 -6.53 18.28
C MET A 423 18.32 -5.53 18.83
N VAL A 424 19.15 -4.97 17.95
CA VAL A 424 20.23 -4.05 18.25
C VAL A 424 19.96 -2.67 17.62
N ASP A 425 20.15 -1.62 18.41
CA ASP A 425 20.02 -0.28 17.87
C ASP A 425 21.23 0.56 18.26
N ASP A 426 21.17 1.87 18.00
CA ASP A 426 22.28 2.78 18.30
C ASP A 426 23.60 2.40 17.62
N LEU A 427 23.51 1.91 16.39
CA LEU A 427 24.67 1.73 15.53
C LEU A 427 24.85 3.02 14.76
N ARG A 428 25.96 3.72 14.96
CA ARG A 428 26.10 5.07 14.40
C ARG A 428 27.50 5.33 13.87
N LEU A 429 27.57 5.95 12.70
CA LEU A 429 28.79 6.58 12.19
C LEU A 429 28.74 8.05 12.54
N ASN A 430 29.91 8.65 12.76
CA ASN A 430 30.02 10.09 12.94
C ASN A 430 30.04 10.75 11.57
N GLU A 431 29.13 11.69 11.30
CA GLU A 431 29.07 12.35 9.98
C GLU A 431 30.32 13.16 9.66
N ASP A 432 31.06 13.52 10.71
CA ASP A 432 32.35 14.18 10.52
C ASP A 432 33.44 13.13 10.43
N GLY A 433 33.63 12.60 9.22
CA GLY A 433 34.73 11.70 8.92
C GLY A 433 34.33 10.25 8.75
N TRP A 434 33.12 9.88 9.17
CA TRP A 434 32.58 8.51 9.02
C TRP A 434 33.29 7.42 9.78
N ARG A 435 33.94 7.80 10.89
CA ARG A 435 34.39 6.82 11.87
C ARG A 435 33.22 6.36 12.72
N THR A 436 33.30 5.16 13.25
CA THR A 436 32.24 4.66 14.12
C THR A 436 32.08 5.50 15.41
N ALA A 437 30.85 5.90 15.69
CA ALA A 437 30.53 6.63 16.91
C ALA A 437 29.96 5.70 17.96
N SER A 438 29.22 4.68 17.52
CA SER A 438 28.66 3.64 18.42
C SER A 438 28.49 2.30 17.71
N THR A 439 28.92 1.24 18.38
CA THR A 439 28.81 -0.12 17.84
C THR A 439 27.53 -0.83 18.24
N GLY A 440 26.63 -0.11 18.90
CA GLY A 440 25.27 -0.59 19.15
C GLY A 440 25.07 -1.22 20.51
N ARG A 441 23.82 -1.43 20.86
CA ARG A 441 23.49 -2.12 22.10
C ARG A 441 22.29 -3.01 21.81
N VAL A 442 22.18 -4.13 22.54
CA VAL A 442 20.98 -4.95 22.51
C VAL A 442 19.84 -4.22 23.19
N ALA A 443 18.83 -3.88 22.40
CA ALA A 443 17.69 -3.15 22.91
C ALA A 443 16.64 -4.13 23.40
N ALA A 444 16.61 -5.32 22.82
CA ALA A 444 15.70 -6.38 23.30
C ALA A 444 16.24 -7.76 22.95
N ASN A 445 16.04 -8.69 23.87
CA ASN A 445 16.35 -10.11 23.61
C ASN A 445 15.09 -10.85 23.23
N GLY A 446 15.20 -11.60 22.14
CA GLY A 446 14.18 -12.58 21.79
C GLY A 446 14.58 -13.93 22.34
N PRO A 447 13.94 -14.98 21.85
CA PRO A 447 14.15 -16.30 22.42
C PRO A 447 15.43 -17.00 21.96
N VAL A 448 15.82 -18.01 22.73
CA VAL A 448 16.83 -18.97 22.34
C VAL A 448 16.17 -19.85 21.29
N ILE A 449 16.88 -20.12 20.22
CA ILE A 449 16.34 -20.89 19.12
C ILE A 449 17.08 -22.21 19.03
N ASP A 450 16.31 -23.30 18.98
CA ASP A 450 16.85 -24.67 18.84
C ASP A 450 17.23 -24.96 17.37
N THR A 451 17.78 -26.15 17.10
CA THR A 451 18.28 -26.45 15.75
C THR A 451 17.21 -26.35 14.69
N ASN A 452 15.99 -26.79 15.01
CA ASN A 452 14.89 -26.73 14.04
C ASN A 452 14.51 -25.30 13.65
N ALA A 453 14.46 -24.42 14.66
CA ALA A 453 14.22 -23.00 14.44
C ALA A 453 15.38 -22.39 13.66
N GLN A 454 16.62 -22.80 13.98
CA GLN A 454 17.79 -22.26 13.29
C GLN A 454 17.80 -22.56 11.82
N GLN A 455 17.20 -23.70 11.45
CA GLN A 455 17.21 -24.11 10.05
C GLN A 455 16.28 -23.24 9.20
N ASP A 456 15.34 -22.52 9.84
CA ASP A 456 14.40 -21.71 9.08
C ASP A 456 13.91 -20.55 9.92
N ILE A 457 14.69 -19.49 9.93
CA ILE A 457 14.33 -18.28 10.66
C ILE A 457 14.04 -17.14 9.69
N TRP A 458 12.95 -16.42 9.94
CA TRP A 458 12.53 -15.36 9.07
C TRP A 458 12.64 -14.08 9.82
N LEU A 459 13.30 -13.12 9.20
CA LEU A 459 13.58 -11.83 9.80
C LEU A 459 12.96 -10.73 8.96
N ARG A 460 12.16 -9.90 9.61
CA ARG A 460 11.35 -8.90 8.92
C ARG A 460 11.58 -7.49 9.38
N ILE A 461 11.76 -6.58 8.43
CA ILE A 461 11.97 -5.15 8.71
C ILE A 461 10.84 -4.37 8.05
N ASP A 462 10.05 -3.66 8.84
CA ASP A 462 8.95 -2.84 8.26
C ASP A 462 9.42 -1.39 8.32
N ALA A 463 9.80 -0.84 7.17
CA ALA A 463 10.37 0.49 7.10
C ALA A 463 9.42 1.53 6.55
N ASP A 464 9.38 2.68 7.18
CA ASP A 464 8.62 3.80 6.65
C ASP A 464 9.61 4.83 6.13
N ILE A 465 9.62 5.04 4.82
CA ILE A 465 10.49 6.05 4.21
C ILE A 465 9.69 7.22 3.66
N THR A 466 8.46 7.40 4.16
CA THR A 466 7.68 8.58 3.73
C THR A 466 8.55 9.84 3.91
N PRO A 467 8.70 10.68 2.87
CA PRO A 467 9.63 11.80 2.96
C PRO A 467 9.38 12.69 4.19
N ALA A 468 10.48 13.09 4.81
CA ALA A 468 10.39 13.94 6.01
C ALA A 468 11.49 15.00 5.97
N PHE A 469 12.04 15.24 4.77
CA PHE A 469 13.17 16.14 4.63
C PHE A 469 12.73 17.57 4.95
N GLY A 470 13.50 18.24 5.78
CA GLY A 470 13.21 19.62 6.17
C GLY A 470 12.17 19.74 7.30
N THR A 471 11.60 18.62 7.74
CA THR A 471 10.65 18.61 8.86
C THR A 471 11.33 18.31 10.18
N ASN A 472 10.56 18.36 11.26
CA ASN A 472 11.04 17.99 12.59
C ASN A 472 10.56 16.61 12.97
N THR A 473 10.18 15.80 11.99
CA THR A 473 9.67 14.44 12.27
C THR A 473 10.58 13.36 11.71
N GLU A 474 10.94 12.37 12.54
CA GLU A 474 11.71 11.22 12.09
C GLU A 474 10.79 10.02 11.93
N ARG A 475 10.88 9.34 10.80
CA ARG A 475 10.10 8.14 10.58
C ARG A 475 10.64 6.99 11.41
N THR A 476 9.84 5.95 11.55
CA THR A 476 10.31 4.80 12.32
C THR A 476 10.17 3.49 11.55
N THR A 477 11.01 2.54 11.95
CA THR A 477 11.03 1.18 11.45
C THR A 477 10.84 0.22 12.63
N THR A 478 10.08 -0.85 12.36
CA THR A 478 9.90 -1.93 13.36
C THR A 478 10.44 -3.27 12.85
N PHE A 479 10.78 -4.16 13.78
CA PHE A 479 11.44 -5.41 13.47
C PHE A 479 10.64 -6.60 14.02
N TYR A 480 10.64 -7.70 13.27
CA TYR A 480 9.86 -8.90 13.63
C TYR A 480 10.64 -10.15 13.27
N TYR A 481 10.33 -11.24 13.96
CA TYR A 481 10.88 -12.53 13.59
C TYR A 481 9.77 -13.56 13.52
N SER A 482 10.04 -14.60 12.73
CA SER A 482 9.22 -15.81 12.70
C SER A 482 10.09 -17.04 12.82
N ILE A 483 9.68 -17.93 13.70
CA ILE A 483 10.29 -19.25 13.80
C ILE A 483 9.23 -20.33 13.55
N ASP A 484 8.19 -19.97 12.81
CA ASP A 484 7.21 -20.97 12.37
C ASP A 484 6.95 -20.87 10.86
N GLY A 485 8.02 -20.74 10.08
CA GLY A 485 7.92 -20.73 8.63
C GLY A 485 7.23 -19.52 8.03
N GLY A 486 7.25 -18.40 8.75
CA GLY A 486 6.66 -17.15 8.27
C GLY A 486 5.17 -17.04 8.47
N ARG A 487 4.61 -17.97 9.24
CA ARG A 487 3.17 -18.00 9.48
C ARG A 487 2.76 -16.97 10.53
N THR A 488 3.62 -16.78 11.54
CA THR A 488 3.38 -15.82 12.61
C THR A 488 4.66 -15.02 12.77
N TYR A 489 4.52 -13.71 12.89
CA TYR A 489 5.63 -12.83 13.22
C TYR A 489 5.43 -12.22 14.59
N THR A 490 6.53 -12.11 15.31
CA THR A 490 6.57 -11.50 16.63
C THR A 490 7.43 -10.27 16.57
N ARG A 491 6.85 -9.14 17.00
CA ARG A 491 7.55 -7.88 17.14
C ARG A 491 8.66 -7.97 18.21
N LEU A 492 9.82 -7.38 17.92
CA LEU A 492 10.92 -7.36 18.89
C LEU A 492 11.60 -6.00 18.92
N GLY A 493 11.69 -5.43 20.10
CA GLY A 493 12.44 -4.20 20.28
C GLY A 493 11.55 -2.99 20.11
N PRO A 494 12.11 -1.80 20.41
CA PRO A 494 11.44 -0.51 20.20
C PRO A 494 11.27 -0.18 18.72
N ALA A 495 10.46 0.84 18.42
CA ALA A 495 10.41 1.39 17.05
C ALA A 495 11.67 2.23 16.88
N PHE A 496 12.35 2.05 15.76
CA PHE A 496 13.63 2.72 15.57
C PHE A 496 13.46 3.98 14.75
N ALA A 497 13.89 5.11 15.31
CA ALA A 497 13.79 6.40 14.66
C ALA A 497 14.93 6.58 13.64
N MET A 498 14.55 6.97 12.44
CA MET A 498 15.48 7.04 11.31
C MET A 498 15.97 8.45 11.06
N THR A 499 17.24 8.60 10.68
CA THR A 499 17.75 9.96 10.39
C THR A 499 17.21 10.57 9.09
N ASN A 500 16.97 11.90 9.08
CA ASN A 500 16.64 12.65 7.85
C ASN A 500 17.84 13.38 7.25
N SER A 501 19.03 13.20 7.83
CA SER A 501 20.22 13.86 7.34
C SER A 501 20.55 13.40 5.92
N TRP A 502 21.06 14.33 5.14
CA TRP A 502 21.50 14.07 3.77
C TRP A 502 22.96 13.73 3.68
N ARG A 503 23.74 13.90 4.75
CA ARG A 503 25.19 13.81 4.61
C ARG A 503 25.79 12.48 4.14
N TYR A 504 25.14 11.37 4.47
CA TYR A 504 25.56 10.05 3.95
C TYR A 504 25.16 9.85 2.49
N PHE A 505 24.27 10.70 2.02
CA PHE A 505 23.75 10.74 0.64
C PHE A 505 22.84 9.59 0.26
N THR A 506 23.34 8.36 0.36
CA THR A 506 22.53 7.18 0.04
C THR A 506 21.34 7.07 1.01
N GLY A 507 20.21 6.57 0.55
CA GLY A 507 19.07 6.34 1.44
C GLY A 507 19.23 5.11 2.30
N TYR A 508 18.27 4.92 3.21
CA TYR A 508 18.22 3.71 3.98
C TYR A 508 18.06 2.49 3.10
N ARG A 509 18.76 1.42 3.46
CA ARG A 509 18.64 0.15 2.72
C ARG A 509 18.25 -1.01 3.62
N PHE A 510 17.75 -2.08 2.98
CA PHE A 510 17.60 -3.39 3.62
C PHE A 510 18.91 -4.17 3.39
N GLY A 511 19.38 -4.88 4.40
CA GLY A 511 20.57 -5.68 4.22
C GLY A 511 20.63 -6.92 5.06
N VAL A 512 21.52 -7.82 4.66
CA VAL A 512 21.80 -9.03 5.44
C VAL A 512 23.31 -9.07 5.70
N PHE A 513 23.69 -9.39 6.93
CA PHE A 513 25.10 -9.38 7.34
C PHE A 513 25.44 -10.66 8.10
N ASN A 514 26.73 -10.92 8.20
CA ASN A 514 27.23 -12.02 8.99
C ASN A 514 28.70 -11.73 9.28
N PHE A 515 29.05 -11.54 10.56
CA PHE A 515 30.43 -11.33 10.96
C PHE A 515 30.70 -12.02 12.29
N SER A 516 31.97 -12.02 12.70
CA SER A 516 32.26 -12.61 14.01
CA SER A 516 32.44 -12.70 13.93
C SER A 516 33.04 -11.71 14.92
N THR A 517 32.76 -11.90 16.21
CA THR A 517 33.48 -11.13 17.21
C THR A 517 34.72 -11.91 17.72
N LYS A 518 34.83 -13.19 17.37
CA LYS A 518 35.90 -14.05 17.89
C LYS A 518 36.81 -14.57 16.81
N SER A 519 36.25 -15.33 15.87
CA SER A 519 37.06 -15.97 14.83
C SER A 519 36.24 -16.34 13.63
N LEU A 520 36.87 -16.48 12.48
CA LEU A 520 36.17 -16.91 11.28
C LEU A 520 35.89 -18.41 11.30
N GLY A 521 35.08 -18.86 10.33
CA GLY A 521 34.76 -20.28 10.20
C GLY A 521 33.27 -20.52 10.15
N GLY A 522 32.50 -19.59 10.71
CA GLY A 522 31.04 -19.67 10.70
C GLY A 522 30.41 -19.28 9.37
N GLU A 523 29.18 -19.72 9.17
CA GLU A 523 28.42 -19.33 7.98
C GLU A 523 26.92 -19.44 8.20
N VAL A 524 26.21 -18.65 7.41
CA VAL A 524 24.78 -18.76 7.33
C VAL A 524 24.39 -18.93 5.88
N LYS A 525 23.16 -19.40 5.67
CA LYS A 525 22.62 -19.50 4.33
C LYS A 525 21.42 -18.58 4.25
N VAL A 526 21.43 -17.69 3.28
CA VAL A 526 20.27 -16.85 3.02
C VAL A 526 19.44 -17.57 1.97
N LYS A 527 18.27 -18.06 2.38
CA LYS A 527 17.44 -18.82 1.46
C LYS A 527 16.62 -17.93 0.57
N GLY A 528 16.23 -16.75 1.04
CA GLY A 528 15.34 -15.94 0.23
C GLY A 528 15.18 -14.55 0.78
N PHE A 529 14.67 -13.67 -0.07
CA PHE A 529 14.32 -12.31 0.33
C PHE A 529 13.03 -11.96 -0.41
N LYS A 530 12.13 -11.26 0.26
CA LYS A 530 10.93 -10.72 -0.37
C LYS A 530 10.66 -9.32 0.16
N MET A 531 10.38 -8.37 -0.73
CA MET A 531 9.90 -7.05 -0.34
C MET A 531 8.42 -6.94 -0.67
N ASN A 532 7.64 -6.51 0.32
CA ASN A 532 6.21 -6.30 0.17
C ASN A 532 5.95 -4.82 0.38
N MET A 533 5.11 -4.23 -0.45
CA MET A 533 4.67 -2.86 -0.24
C MET A 533 3.63 -2.86 0.88
N ILE A 534 3.76 -1.96 1.84
CA ILE A 534 2.87 -1.93 3.00
C ILE A 534 2.27 -0.53 3.24
N LEU A 535 1.61 -0.26 4.27
N SER B 6 -44.49 -18.80 11.86
CA SER B 6 -44.08 -19.85 12.84
C SER B 6 -42.79 -20.59 12.42
N THR B 7 -42.48 -20.53 11.12
CA THR B 7 -41.17 -20.92 10.61
C THR B 7 -40.56 -19.74 9.87
N PHE B 8 -39.25 -19.80 9.64
CA PHE B 8 -38.59 -18.80 8.81
C PHE B 8 -37.72 -19.52 7.79
N THR B 9 -37.38 -18.82 6.72
CA THR B 9 -36.47 -19.30 5.72
C THR B 9 -35.12 -18.56 5.76
N ASN B 10 -34.04 -19.32 5.60
CA ASN B 10 -32.72 -18.74 5.45
C ASN B 10 -32.49 -18.32 4.00
N PRO B 11 -31.71 -17.22 3.76
CA PRO B 11 -31.04 -16.38 4.80
C PRO B 11 -32.02 -15.43 5.46
N VAL B 12 -31.67 -14.97 6.66
CA VAL B 12 -32.59 -14.13 7.44
C VAL B 12 -32.60 -12.68 6.99
N LEU B 13 -31.47 -12.22 6.44
CA LEU B 13 -31.36 -10.87 5.93
C LEU B 13 -30.46 -11.00 4.72
N TRP B 14 -30.96 -10.61 3.55
CA TRP B 14 -30.18 -10.77 2.34
C TRP B 14 -29.45 -9.51 2.00
N GLU B 15 -28.64 -9.04 2.95
CA GLU B 15 -27.83 -7.84 2.82
C GLU B 15 -26.48 -8.08 3.49
N ASP B 16 -25.44 -7.48 2.93
CA ASP B 16 -24.06 -7.68 3.30
C ASP B 16 -23.74 -7.14 4.69
N HIS B 17 -23.70 -8.03 5.68
CA HIS B 17 -23.41 -7.69 7.10
C HIS B 17 -22.45 -8.71 7.67
N PRO B 18 -21.17 -8.64 7.26
CA PRO B 18 -20.17 -9.63 7.66
C PRO B 18 -19.62 -9.51 9.10
N ALA B 19 -18.96 -10.59 9.53
CA ALA B 19 -18.18 -10.59 10.77
C ALA B 19 -19.09 -10.30 11.96
N LEU B 20 -20.31 -10.85 11.91
CA LEU B 20 -21.34 -10.55 12.89
C LEU B 20 -20.96 -10.97 14.31
N GLU B 21 -21.33 -10.09 15.26
CA GLU B 21 -21.42 -10.40 16.70
C GLU B 21 -22.90 -10.34 17.04
N VAL B 22 -23.42 -11.31 17.79
CA VAL B 22 -24.82 -11.28 18.22
C VAL B 22 -24.92 -11.52 19.72
N PHE B 23 -25.81 -10.79 20.36
CA PHE B 23 -26.06 -10.95 21.80
C PHE B 23 -27.50 -10.51 22.10
N ARG B 24 -27.97 -10.83 23.30
CA ARG B 24 -29.33 -10.50 23.71
C ARG B 24 -29.27 -9.58 24.91
N VAL B 25 -30.12 -8.55 24.92
CA VAL B 25 -30.40 -7.79 26.14
C VAL B 25 -31.91 -7.88 26.34
N GLY B 26 -32.33 -8.55 27.41
CA GLY B 26 -33.77 -8.75 27.63
C GLY B 26 -34.47 -9.42 26.45
N SER B 27 -35.43 -8.74 25.86
CA SER B 27 -36.18 -9.27 24.73
C SER B 27 -35.62 -8.88 23.35
N VAL B 28 -34.49 -8.18 23.33
CA VAL B 28 -33.93 -7.65 22.10
C VAL B 28 -32.60 -8.33 21.76
N PHE B 29 -32.44 -8.74 20.50
CA PHE B 29 -31.16 -9.23 20.00
C PHE B 29 -30.48 -8.09 19.22
N TYR B 30 -29.16 -7.98 19.40
CA TYR B 30 -28.39 -7.01 18.64
C TYR B 30 -27.30 -7.70 17.85
N TYR B 31 -26.94 -7.10 16.73
CA TYR B 31 -26.06 -7.69 15.73
C TYR B 31 -25.13 -6.58 15.28
N SER B 32 -23.82 -6.79 15.40
CA SER B 32 -22.81 -5.81 15.03
C SER B 32 -22.03 -6.34 13.81
N SER B 33 -21.77 -5.50 12.80
CA SER B 33 -21.07 -5.99 11.60
C SER B 33 -19.88 -5.11 11.19
N SER B 34 -19.14 -5.55 10.17
CA SER B 34 -17.89 -4.90 9.74
C SER B 34 -18.07 -4.15 8.42
N THR B 35 -17.43 -3.00 8.33
CA THR B 35 -17.65 -2.06 7.24
C THR B 35 -16.40 -1.51 6.56
N PHE B 36 -15.21 -1.97 6.92
CA PHE B 36 -14.01 -1.54 6.18
C PHE B 36 -13.86 0.01 6.16
N ALA B 37 -13.72 0.63 4.99
CA ALA B 37 -13.56 2.08 4.93
C ALA B 37 -14.88 2.86 4.76
N TYR B 38 -16.03 2.18 4.93
CA TYR B 38 -17.30 2.89 4.79
C TYR B 38 -17.59 3.66 6.08
N SER B 39 -18.24 4.82 5.98
CA SER B 39 -18.33 5.74 7.10
C SER B 39 -19.76 6.32 7.12
N PRO B 40 -20.49 6.20 8.24
CA PRO B 40 -20.11 5.67 9.54
C PRO B 40 -19.90 4.15 9.46
N GLY B 41 -19.17 3.66 10.44
CA GLY B 41 -18.80 2.27 10.46
C GLY B 41 -19.47 1.51 11.59
N ALA B 42 -19.34 0.18 11.53
CA ALA B 42 -19.81 -0.74 12.59
C ALA B 42 -21.31 -0.60 12.86
N PRO B 43 -22.15 -0.97 11.88
CA PRO B 43 -23.61 -0.91 12.05
C PRO B 43 -24.06 -1.83 13.17
N VAL B 44 -25.12 -1.43 13.85
CA VAL B 44 -25.82 -2.24 14.83
C VAL B 44 -27.23 -2.47 14.31
N LEU B 45 -27.65 -3.74 14.25
CA LEU B 45 -29.01 -4.12 13.86
C LEU B 45 -29.74 -4.69 15.07
N LYS B 46 -31.06 -4.65 15.03
CA LYS B 46 -31.90 -5.05 16.16
C LYS B 46 -32.97 -6.02 15.67
N SER B 47 -33.30 -7.00 16.49
CA SER B 47 -34.37 -7.98 16.15
C SER B 47 -35.02 -8.44 17.45
N TYR B 48 -36.27 -8.85 17.36
CA TYR B 48 -36.96 -9.52 18.45
C TYR B 48 -36.98 -11.05 18.29
N ASP B 49 -36.57 -11.55 17.12
CA ASP B 49 -36.68 -12.99 16.84
C ASP B 49 -35.50 -13.65 16.12
N LEU B 50 -34.40 -12.90 15.95
CA LEU B 50 -33.20 -13.34 15.22
C LEU B 50 -33.39 -13.46 13.71
N VAL B 51 -34.56 -13.06 13.21
CA VAL B 51 -34.93 -13.31 11.82
C VAL B 51 -35.21 -12.00 11.06
N HIS B 52 -36.00 -11.11 11.68
CA HIS B 52 -36.33 -9.80 11.09
C HIS B 52 -35.50 -8.71 11.73
N TRP B 53 -34.56 -8.18 10.97
CA TRP B 53 -33.54 -7.25 11.51
C TRP B 53 -33.73 -5.87 10.96
N THR B 54 -33.54 -4.86 11.81
CA THR B 54 -33.60 -3.46 11.38
C THR B 54 -32.35 -2.74 11.88
N PRO B 55 -31.75 -1.88 11.02
CA PRO B 55 -30.56 -1.15 11.50
C PRO B 55 -30.97 -0.01 12.41
N VAL B 56 -30.23 0.17 13.51
CA VAL B 56 -30.60 1.20 14.51
C VAL B 56 -29.54 2.24 14.85
N THR B 57 -28.27 1.90 14.65
CA THR B 57 -27.19 2.83 14.92
C THR B 57 -25.90 2.35 14.29
N HIS B 58 -24.86 3.18 14.36
CA HIS B 58 -23.50 2.79 13.97
C HIS B 58 -22.58 3.14 15.11
N SER B 59 -21.72 2.20 15.48
CA SER B 59 -20.81 2.42 16.62
C SER B 59 -19.70 3.43 16.37
N VAL B 60 -19.37 3.66 15.09
CA VAL B 60 -18.29 4.57 14.76
C VAL B 60 -18.83 5.66 13.79
N PRO B 61 -19.37 6.77 14.35
CA PRO B 61 -20.03 7.79 13.53
C PRO B 61 -19.14 8.44 12.48
N ARG B 62 -17.85 8.55 12.75
CA ARG B 62 -16.84 9.03 11.78
C ARG B 62 -15.56 8.26 12.13
N LEU B 63 -14.89 7.75 11.11
CA LEU B 63 -13.77 6.86 11.27
C LEU B 63 -12.60 7.71 11.72
N ASN B 64 -12.06 7.43 12.90
CA ASN B 64 -11.01 8.24 13.52
C ASN B 64 -9.66 7.50 13.54
N PHE B 65 -9.36 6.79 12.44
CA PHE B 65 -8.27 5.84 12.43
C PHE B 65 -7.03 6.33 11.67
N GLY B 66 -7.09 7.56 11.19
CA GLY B 66 -5.98 8.17 10.46
C GLY B 66 -6.39 9.02 9.27
N SER B 67 -5.42 9.81 8.79
CA SER B 67 -5.65 10.76 7.70
CA SER B 67 -5.63 10.76 7.68
C SER B 67 -6.16 10.09 6.42
N ASN B 68 -5.71 8.86 6.18
CA ASN B 68 -6.09 8.17 4.95
C ASN B 68 -7.60 7.90 4.86
N TYR B 69 -8.27 7.90 6.02
CA TYR B 69 -9.71 7.63 6.07
C TYR B 69 -10.55 8.79 5.56
N ASP B 70 -9.89 9.93 5.35
CA ASP B 70 -10.54 11.09 4.77
C ASP B 70 -10.37 11.15 3.24
N LEU B 71 -9.79 10.10 2.64
CA LEU B 71 -9.52 10.07 1.19
C LEU B 71 -8.93 11.40 0.67
N PRO B 72 -7.79 11.85 1.23
CA PRO B 72 -7.25 13.13 0.83
C PRO B 72 -6.49 13.11 -0.50
N SER B 73 -6.09 11.92 -0.95
CA SER B 73 -5.11 11.81 -2.05
C SER B 73 -5.36 10.64 -2.99
N GLY B 74 -6.64 10.34 -3.22
CA GLY B 74 -7.02 9.27 -4.14
C GLY B 74 -6.62 7.90 -3.65
N THR B 75 -6.57 6.94 -4.56
CA THR B 75 -6.26 5.56 -4.20
C THR B 75 -4.77 5.41 -3.88
N PRO B 76 -4.39 4.46 -3.00
CA PRO B 76 -5.20 3.42 -2.36
C PRO B 76 -6.05 3.89 -1.16
N GLY B 77 -5.92 5.14 -0.73
CA GLY B 77 -6.75 5.64 0.39
C GLY B 77 -6.74 4.68 1.55
N ALA B 78 -7.94 4.28 2.01
CA ALA B 78 -8.03 3.27 3.05
C ALA B 78 -8.90 2.10 2.58
N TYR B 79 -9.01 1.93 1.25
CA TYR B 79 -9.83 0.84 0.66
C TYR B 79 -9.45 -0.52 1.23
N VAL B 80 -10.47 -1.22 1.73
CA VAL B 80 -10.36 -2.58 2.28
C VAL B 80 -9.49 -2.61 3.57
N LYS B 81 -9.24 -1.44 4.15
CA LYS B 81 -8.65 -1.32 5.49
C LYS B 81 -9.77 -1.10 6.48
N GLY B 82 -9.58 -0.21 7.46
CA GLY B 82 -10.68 0.15 8.37
C GLY B 82 -11.20 -1.01 9.20
N ILE B 83 -12.52 -1.08 9.33
CA ILE B 83 -13.13 -1.97 10.33
C ILE B 83 -13.27 -3.39 9.77
N TRP B 84 -12.45 -4.31 10.27
CA TRP B 84 -12.55 -5.73 9.99
C TRP B 84 -13.37 -6.35 11.13
N ALA B 85 -13.26 -7.66 11.39
CA ALA B 85 -14.05 -8.26 12.46
C ALA B 85 -13.73 -7.61 13.80
N SER B 86 -14.78 -7.17 14.47
CA SER B 86 -14.70 -6.38 15.70
C SER B 86 -15.71 -6.95 16.70
N THR B 87 -16.01 -6.21 17.75
CA THR B 87 -16.86 -6.76 18.79
C THR B 87 -17.67 -5.71 19.50
N LEU B 88 -18.82 -6.14 20.03
CA LEU B 88 -19.76 -5.28 20.71
C LEU B 88 -20.46 -6.07 21.82
N ARG B 89 -20.54 -5.48 23.00
CA ARG B 89 -21.38 -6.01 24.09
C ARG B 89 -21.97 -4.88 24.88
N TYR B 90 -23.03 -5.22 25.63
CA TYR B 90 -23.70 -4.25 26.47
C TYR B 90 -23.33 -4.53 27.94
N ARG B 91 -22.85 -3.48 28.62
CA ARG B 91 -22.45 -3.59 30.02
C ARG B 91 -23.58 -3.11 30.92
N ARG B 92 -24.15 -4.05 31.67
CA ARG B 92 -25.30 -3.72 32.53
C ARG B 92 -24.93 -2.79 33.68
N SER B 93 -23.72 -2.91 34.22
CA SER B 93 -23.40 -2.16 35.43
C SER B 93 -23.36 -0.62 35.24
N ASN B 94 -23.00 -0.16 34.05
CA ASN B 94 -23.04 1.28 33.76
C ASN B 94 -23.91 1.62 32.56
N ASP B 95 -24.71 0.66 32.09
CA ASP B 95 -25.69 0.89 31.03
C ASP B 95 -24.97 1.50 29.80
N ARG B 96 -23.90 0.84 29.40
CA ARG B 96 -23.09 1.34 28.29
C ARG B 96 -22.75 0.21 27.34
N PHE B 97 -22.86 0.48 26.04
CA PHE B 97 -22.35 -0.40 24.97
C PHE B 97 -20.88 -0.13 24.70
N TYR B 98 -20.11 -1.21 24.56
CA TYR B 98 -18.69 -1.16 24.30
C TYR B 98 -18.39 -1.81 22.95
N TRP B 99 -17.86 -1.03 22.01
CA TRP B 99 -17.41 -1.52 20.70
C TRP B 99 -15.89 -1.44 20.67
N TYR B 100 -15.23 -2.57 20.42
CA TYR B 100 -13.79 -2.62 20.21
C TYR B 100 -13.49 -3.13 18.80
N GLY B 101 -12.54 -2.50 18.17
CA GLY B 101 -12.07 -2.96 16.85
C GLY B 101 -10.63 -2.57 16.62
N CYS B 102 -9.82 -3.50 16.11
CA CYS B 102 -8.45 -3.22 15.73
C CYS B 102 -8.41 -2.67 14.30
N VAL B 103 -7.85 -1.48 14.15
CA VAL B 103 -7.70 -0.88 12.84
C VAL B 103 -6.26 -0.46 12.68
N GLU B 104 -5.63 -0.98 11.62
CA GLU B 104 -4.23 -0.73 11.28
C GLU B 104 -3.34 -0.67 12.51
N GLY B 105 -3.41 -1.71 13.33
CA GLY B 105 -2.42 -1.90 14.40
C GLY B 105 -2.74 -1.41 15.80
N ARG B 106 -3.85 -0.70 15.97
CA ARG B 106 -4.25 -0.21 17.29
C ARG B 106 -5.70 -0.59 17.50
N THR B 107 -6.10 -0.85 18.73
CA THR B 107 -7.50 -1.19 19.03
C THR B 107 -8.23 0.02 19.58
N TYR B 108 -9.38 0.32 19.00
CA TYR B 108 -10.15 1.50 19.35
C TYR B 108 -11.40 1.08 20.10
N LEU B 109 -11.76 1.86 21.12
CA LEU B 109 -12.98 1.61 21.86
C LEU B 109 -13.90 2.80 21.66
N TRP B 110 -15.12 2.51 21.16
CA TRP B 110 -16.21 3.49 21.09
C TRP B 110 -17.31 3.02 22.00
N THR B 111 -17.86 3.93 22.82
CA THR B 111 -18.96 3.58 23.71
C THR B 111 -20.17 4.49 23.54
N SER B 112 -21.33 3.97 23.91
CA SER B 112 -22.55 4.75 23.95
C SER B 112 -23.35 4.37 25.20
N PRO B 113 -24.02 5.35 25.83
CA PRO B 113 -25.05 5.00 26.81
C PRO B 113 -26.14 4.13 26.15
N GLY B 114 -26.84 3.33 26.96
CA GLY B 114 -27.93 2.49 26.44
C GLY B 114 -29.32 3.00 26.76
N GLY B 115 -29.42 4.19 27.34
CA GLY B 115 -30.73 4.80 27.66
C GLY B 115 -31.61 3.90 28.52
N ASN B 116 -30.98 3.25 29.51
CA ASN B 116 -31.66 2.38 30.50
C ASN B 116 -32.16 1.06 29.90
N ALA B 117 -31.46 0.56 28.90
CA ALA B 117 -31.86 -0.66 28.22
C ALA B 117 -32.11 -1.85 29.18
N LEU B 118 -31.24 -2.01 30.18
CA LEU B 118 -31.32 -3.15 31.10
C LEU B 118 -32.61 -3.15 31.90
N ALA B 119 -33.21 -1.97 32.05
CA ALA B 119 -34.43 -1.86 32.85
C ALA B 119 -35.67 -1.87 31.97
N ASN B 120 -35.44 -1.94 30.67
CA ASN B 120 -36.55 -1.80 29.74
C ASN B 120 -36.58 -2.90 28.70
N ASN B 121 -36.23 -4.10 29.17
CA ASN B 121 -36.28 -5.31 28.36
C ASN B 121 -35.43 -5.21 27.09
N GLY B 122 -34.37 -4.39 27.15
CA GLY B 122 -33.38 -4.36 26.07
C GLY B 122 -33.52 -3.26 25.05
N GLU B 123 -34.58 -2.46 25.21
CA GLU B 123 -34.87 -1.37 24.30
C GLU B 123 -33.90 -0.20 24.51
N VAL B 124 -33.36 0.35 23.44
CA VAL B 124 -32.60 1.62 23.49
C VAL B 124 -33.39 2.71 22.76
N PRO B 125 -33.77 3.79 23.47
CA PRO B 125 -34.44 4.88 22.73
C PRO B 125 -33.58 5.37 21.55
N PRO B 126 -34.19 5.63 20.38
CA PRO B 126 -33.37 6.10 19.24
C PRO B 126 -32.54 7.33 19.59
N SER B 127 -33.05 8.15 20.50
CA SER B 127 -32.41 9.42 20.85
CA SER B 127 -32.41 9.41 20.83
C SER B 127 -31.26 9.20 21.82
N ALA B 128 -31.16 8.00 22.38
CA ALA B 128 -30.15 7.75 23.42
C ALA B 128 -28.77 7.40 22.87
N TRP B 129 -28.72 6.81 21.69
CA TRP B 129 -27.43 6.47 21.07
C TRP B 129 -26.55 7.71 20.96
N ASN B 130 -25.32 7.59 21.45
CA ASN B 130 -24.40 8.71 21.44
C ASN B 130 -22.99 8.14 21.59
N TRP B 131 -22.38 7.88 20.44
CA TRP B 131 -21.12 7.16 20.39
C TRP B 131 -19.96 8.11 20.45
N GLN B 132 -19.01 7.84 21.35
CA GLN B 132 -17.82 8.66 21.55
C GLN B 132 -16.60 7.76 21.66
N HIS B 133 -15.48 8.22 21.14
CA HIS B 133 -14.22 7.51 21.21
C HIS B 133 -13.77 7.56 22.64
N THR B 134 -13.64 6.40 23.26
CA THR B 134 -13.41 6.33 24.70
C THR B 134 -11.99 5.91 25.07
N ALA B 135 -11.36 5.08 24.23
CA ALA B 135 -10.00 4.60 24.53
C ALA B 135 -9.32 4.11 23.28
N THR B 136 -8.00 4.07 23.35
CA THR B 136 -7.18 3.41 22.34
C THR B 136 -6.15 2.56 23.07
N ILE B 137 -6.09 1.30 22.70
CA ILE B 137 -5.18 0.32 23.31
C ILE B 137 -4.11 -0.01 22.28
N ASP B 138 -2.85 0.01 22.72
CA ASP B 138 -1.71 -0.23 21.83
C ASP B 138 -1.73 -1.58 21.12
N ASN B 139 -2.15 -2.61 21.83
CA ASN B 139 -2.14 -3.96 21.31
C ASN B 139 -3.20 -4.07 20.21
N CYS B 140 -2.91 -4.81 19.14
CA CYS B 140 -3.93 -5.07 18.13
C CYS B 140 -4.72 -6.31 18.46
N TYR B 141 -5.99 -6.14 18.79
CA TYR B 141 -6.84 -7.29 19.03
C TYR B 141 -7.50 -7.69 17.72
N TYR B 142 -6.74 -8.38 16.86
CA TYR B 142 -7.25 -8.79 15.55
C TYR B 142 -8.36 -9.82 15.74
N ASP B 143 -9.50 -9.61 15.07
CA ASP B 143 -10.66 -10.48 15.18
C ASP B 143 -11.04 -10.67 16.65
N ALA B 144 -11.32 -9.55 17.29
CA ALA B 144 -11.65 -9.48 18.73
C ALA B 144 -13.04 -10.01 19.02
N GLY B 145 -13.15 -10.62 20.21
CA GLY B 145 -14.41 -11.10 20.78
C GLY B 145 -14.39 -10.73 22.27
N LEU B 146 -15.21 -9.73 22.61
CA LEU B 146 -15.39 -9.25 23.99
C LEU B 146 -16.33 -10.13 24.80
N LEU B 147 -15.96 -10.38 26.05
CA LEU B 147 -16.81 -10.94 27.09
C LEU B 147 -16.81 -10.00 28.30
N ILE B 148 -18.00 -9.62 28.76
CA ILE B 148 -18.17 -8.97 30.06
C ILE B 148 -18.63 -10.05 31.03
N ASP B 149 -17.72 -10.48 31.89
CA ASP B 149 -17.97 -11.66 32.75
C ASP B 149 -18.97 -11.32 33.86
N ASP B 150 -19.43 -12.35 34.54
CA ASP B 150 -20.48 -12.22 35.54
C ASP B 150 -20.04 -11.37 36.73
N ASP B 151 -18.74 -11.27 36.97
CA ASP B 151 -18.21 -10.39 37.99
C ASP B 151 -17.82 -8.99 37.46
N ASP B 152 -18.22 -8.67 36.24
CA ASP B 152 -17.93 -7.38 35.59
C ASP B 152 -16.47 -7.18 35.15
N THR B 153 -15.66 -8.23 35.12
CA THR B 153 -14.34 -8.12 34.50
C THR B 153 -14.50 -8.33 33.00
N MET B 154 -13.79 -7.52 32.20
CA MET B 154 -13.82 -7.61 30.75
C MET B 154 -12.62 -8.36 30.16
N TYR B 155 -12.89 -9.25 29.21
CA TYR B 155 -11.87 -10.01 28.52
C TYR B 155 -12.11 -9.87 27.02
N ILE B 156 -11.02 -9.91 26.26
CA ILE B 156 -11.09 -9.97 24.79
C ILE B 156 -10.28 -11.17 24.31
N ALA B 157 -10.96 -12.08 23.57
CA ALA B 157 -10.29 -13.14 22.85
C ALA B 157 -9.97 -12.63 21.45
N TYR B 158 -8.79 -12.94 20.96
CA TYR B 158 -8.38 -12.39 19.68
C TYR B 158 -7.29 -13.23 19.07
N GLY B 159 -6.98 -12.93 17.81
CA GLY B 159 -5.81 -13.50 17.16
C GLY B 159 -6.06 -14.25 15.86
N ASN B 160 -4.95 -14.48 15.17
CA ASN B 160 -4.85 -15.29 13.95
C ASN B 160 -3.35 -15.46 13.77
N PRO B 161 -2.85 -16.71 13.67
CA PRO B 161 -3.60 -17.95 13.46
C PRO B 161 -3.94 -18.70 14.75
N THR B 162 -3.47 -18.19 15.89
CA THR B 162 -3.77 -18.78 17.21
C THR B 162 -4.51 -17.76 18.09
N ILE B 163 -5.17 -18.24 19.14
CA ILE B 163 -6.03 -17.39 19.96
C ILE B 163 -5.37 -17.01 21.27
N ASN B 164 -5.49 -15.72 21.62
CA ASN B 164 -5.05 -15.14 22.91
C ASN B 164 -6.24 -14.59 23.68
N VAL B 165 -6.08 -14.42 24.99
CA VAL B 165 -7.10 -13.78 25.81
C VAL B 165 -6.45 -12.65 26.64
N ALA B 166 -6.93 -11.42 26.39
CA ALA B 166 -6.56 -10.26 27.22
C ALA B 166 -7.63 -9.94 28.27
N GLN B 167 -7.16 -9.53 29.45
CA GLN B 167 -8.02 -8.92 30.45
C GLN B 167 -7.82 -7.43 30.41
N LEU B 168 -8.92 -6.70 30.45
CA LEU B 168 -8.90 -5.24 30.50
C LEU B 168 -9.04 -4.72 31.92
N SER B 169 -8.67 -3.46 32.10
CA SER B 169 -8.88 -2.73 33.35
C SER B 169 -10.41 -2.66 33.61
N PRO B 170 -10.80 -2.33 34.86
CA PRO B 170 -12.24 -2.26 35.12
C PRO B 170 -12.99 -1.30 34.17
N ASP B 171 -12.41 -0.16 33.82
CA ASP B 171 -13.07 0.77 32.88
C ASP B 171 -12.99 0.35 31.39
N GLY B 172 -12.25 -0.72 31.11
CA GLY B 172 -12.16 -1.24 29.75
C GLY B 172 -11.20 -0.46 28.86
N THR B 173 -10.42 0.47 29.42
CA THR B 173 -9.63 1.40 28.57
C THR B 173 -8.16 1.00 28.41
N ARG B 174 -7.74 0.01 29.19
CA ARG B 174 -6.36 -0.46 29.20
C ARG B 174 -6.30 -1.97 29.27
N GLN B 175 -5.24 -2.55 28.69
CA GLN B 175 -4.93 -3.97 28.88
C GLN B 175 -4.20 -4.09 30.20
N VAL B 176 -4.59 -5.06 31.04
CA VAL B 176 -3.86 -5.29 32.28
C VAL B 176 -3.07 -6.60 32.29
N ARG B 177 -3.47 -7.58 31.46
CA ARG B 177 -2.67 -8.81 31.29
C ARG B 177 -3.17 -9.58 30.07
N VAL B 178 -2.31 -10.42 29.50
CA VAL B 178 -2.67 -11.26 28.36
CA VAL B 178 -2.70 -11.28 28.38
C VAL B 178 -2.12 -12.67 28.54
N GLN B 179 -2.94 -13.65 28.20
CA GLN B 179 -2.46 -15.01 28.05
C GLN B 179 -2.40 -15.33 26.55
N GLN B 180 -1.20 -15.69 26.09
CA GLN B 180 -1.01 -16.01 24.67
C GLN B 180 -1.27 -17.48 24.40
N ARG B 181 -1.78 -17.78 23.22
CA ARG B 181 -1.87 -19.16 22.73
C ARG B 181 -2.75 -20.04 23.66
N VAL B 182 -3.95 -19.54 23.97
CA VAL B 182 -4.90 -20.32 24.75
C VAL B 182 -5.48 -21.46 23.93
N TYR B 183 -5.36 -21.32 22.62
CA TYR B 183 -5.77 -22.37 21.68
C TYR B 183 -4.91 -22.25 20.43
N ALA B 184 -4.35 -23.37 19.98
CA ALA B 184 -3.80 -23.47 18.63
C ALA B 184 -4.32 -24.73 17.93
N HIS B 185 -4.60 -24.61 16.64
CA HIS B 185 -5.08 -25.72 15.83
C HIS B 185 -4.08 -26.87 15.84
N PRO B 186 -4.57 -28.11 16.01
CA PRO B 186 -3.75 -29.33 16.08
C PRO B 186 -2.89 -29.59 14.84
N GLN B 187 -3.37 -29.19 13.66
CA GLN B 187 -2.64 -29.34 12.41
C GLN B 187 -1.99 -28.05 11.95
N GLY B 188 -1.99 -27.04 12.81
CA GLY B 188 -1.41 -25.75 12.44
C GLY B 188 -2.22 -24.99 11.40
N GLN B 189 -3.46 -25.38 11.19
CA GLN B 189 -4.34 -24.58 10.33
C GLN B 189 -4.74 -23.28 11.03
N THR B 190 -4.98 -22.26 10.23
CA THR B 190 -5.37 -20.94 10.73
C THR B 190 -6.76 -20.98 11.35
N VAL B 191 -6.90 -20.45 12.56
CA VAL B 191 -8.22 -20.02 13.04
C VAL B 191 -8.23 -18.52 13.36
N GLU B 192 -9.43 -17.94 13.39
CA GLU B 192 -9.61 -16.51 13.67
C GLU B 192 -11.09 -16.31 14.02
N GLY B 193 -11.57 -15.08 14.03
CA GLY B 193 -13.00 -14.83 14.15
C GLY B 193 -13.56 -15.04 15.55
N ALA B 194 -12.72 -14.90 16.57
CA ALA B 194 -13.12 -15.14 17.97
C ALA B 194 -14.39 -14.39 18.42
N ARG B 195 -15.28 -15.15 19.07
CA ARG B 195 -16.35 -14.60 19.92
C ARG B 195 -16.23 -15.31 21.27
N MET B 196 -16.42 -14.61 22.39
CA MET B 196 -16.21 -15.17 23.73
C MET B 196 -17.46 -15.11 24.58
N TYR B 197 -17.71 -16.20 25.30
CA TYR B 197 -18.94 -16.39 26.08
C TYR B 197 -18.71 -16.96 27.48
N LYS B 198 -19.57 -16.58 28.43
CA LYS B 198 -19.73 -17.21 29.73
C LYS B 198 -21.08 -17.91 29.75
N ILE B 199 -21.07 -19.24 29.81
CA ILE B 199 -22.31 -20.00 29.74
C ILE B 199 -22.33 -21.05 30.83
N ARG B 200 -23.27 -20.87 31.77
CA ARG B 200 -23.48 -21.79 32.90
C ARG B 200 -22.16 -22.20 33.56
N GLY B 201 -21.38 -21.20 33.93
CA GLY B 201 -20.23 -21.39 34.78
C GLY B 201 -18.94 -21.60 34.02
N ASN B 202 -19.03 -21.76 32.70
CA ASN B 202 -17.85 -22.05 31.89
C ASN B 202 -17.59 -21.03 30.78
N TYR B 203 -16.34 -20.99 30.32
CA TYR B 203 -15.94 -20.08 29.25
C TYR B 203 -15.85 -20.80 27.94
N TYR B 204 -16.43 -20.17 26.91
CA TYR B 204 -16.44 -20.68 25.55
C TYR B 204 -15.95 -19.60 24.57
N ILE B 205 -15.29 -20.06 23.51
CA ILE B 205 -14.83 -19.21 22.43
C ILE B 205 -15.21 -19.89 21.13
N LEU B 206 -15.90 -19.17 20.25
CA LEU B 206 -16.16 -19.66 18.92
C LEU B 206 -15.07 -19.08 18.00
N VAL B 207 -14.52 -19.94 17.14
CA VAL B 207 -13.54 -19.52 16.13
C VAL B 207 -13.86 -20.14 14.82
N THR B 208 -13.39 -19.49 13.75
CA THR B 208 -13.57 -20.01 12.39
C THR B 208 -12.25 -20.51 11.82
N ARG B 209 -12.33 -21.59 11.05
CA ARG B 209 -11.24 -21.90 10.12
C ARG B 209 -11.67 -21.34 8.76
N PRO B 210 -11.01 -20.25 8.32
CA PRO B 210 -11.48 -19.59 7.09
C PRO B 210 -11.34 -20.55 5.91
N ALA B 211 -12.38 -20.72 5.10
CA ALA B 211 -13.67 -20.03 5.19
C ALA B 211 -14.78 -21.10 5.21
N ASP B 212 -14.51 -22.23 5.85
CA ASP B 212 -15.45 -23.36 5.76
C ASP B 212 -15.83 -24.08 7.04
N ALA B 213 -15.32 -23.63 8.18
CA ALA B 213 -15.60 -24.33 9.43
C ALA B 213 -15.67 -23.42 10.62
N GLU B 214 -16.37 -23.90 11.65
CA GLU B 214 -16.46 -23.21 12.95
C GLU B 214 -16.20 -24.23 14.04
N TYR B 215 -15.35 -23.87 14.99
CA TYR B 215 -15.09 -24.68 16.17
C TYR B 215 -15.61 -23.98 17.39
N VAL B 216 -16.05 -24.79 18.34
CA VAL B 216 -16.42 -24.29 19.67
C VAL B 216 -15.31 -24.73 20.62
N LEU B 217 -14.76 -23.76 21.33
CA LEU B 217 -13.69 -23.98 22.30
C LEU B 217 -14.28 -23.80 23.70
N ARG B 218 -13.83 -24.63 24.63
CA ARG B 218 -14.26 -24.55 26.03
C ARG B 218 -13.05 -24.60 26.94
N SER B 219 -13.06 -23.76 27.97
CA SER B 219 -11.94 -23.74 28.90
C SER B 219 -11.85 -25.06 29.68
N THR B 220 -10.68 -25.67 29.63
CA THR B 220 -10.48 -26.94 30.34
C THR B 220 -10.33 -26.77 31.86
N THR B 221 -10.05 -25.55 32.32
CA THR B 221 -9.70 -25.30 33.72
C THR B 221 -10.83 -24.56 34.45
N GLY B 222 -11.75 -23.99 33.69
CA GLY B 222 -12.72 -23.04 34.22
C GLY B 222 -12.23 -21.61 34.31
N SER B 223 -10.98 -21.36 33.91
CA SER B 223 -10.45 -19.98 33.79
C SER B 223 -10.75 -19.37 32.42
N PRO B 224 -10.99 -18.04 32.37
CA PRO B 224 -11.10 -17.37 31.07
C PRO B 224 -9.82 -17.43 30.25
N PHE B 225 -8.69 -17.66 30.92
CA PHE B 225 -7.41 -17.78 30.23
C PHE B 225 -7.16 -19.19 29.70
N GLY B 226 -8.07 -20.11 29.96
CA GLY B 226 -7.99 -21.46 29.38
C GLY B 226 -6.97 -22.29 30.12
N PRO B 227 -6.23 -23.15 29.41
CA PRO B 227 -6.32 -23.39 27.95
C PRO B 227 -7.69 -23.91 27.51
N TYR B 228 -7.89 -23.94 26.21
CA TYR B 228 -9.17 -24.30 25.61
C TYR B 228 -9.04 -25.58 24.79
N GLU B 229 -10.06 -26.43 24.87
CA GLU B 229 -10.21 -27.61 24.00
C GLU B 229 -11.32 -27.37 22.99
N ALA B 230 -11.21 -27.95 21.80
CA ALA B 230 -12.16 -27.69 20.72
C ALA B 230 -13.05 -28.87 20.39
N ARG B 231 -14.23 -28.56 19.88
CA ARG B 231 -15.05 -29.52 19.11
C ARG B 231 -15.45 -28.80 17.84
N THR B 232 -15.85 -29.57 16.83
CA THR B 232 -16.34 -28.95 15.58
C THR B 232 -17.80 -28.59 15.75
N LEU B 233 -18.14 -27.35 15.42
CA LEU B 233 -19.54 -26.94 15.31
C LEU B 233 -20.12 -27.20 13.92
N VAL B 234 -19.49 -26.65 12.88
CA VAL B 234 -19.78 -27.03 11.50
C VAL B 234 -18.48 -27.16 10.75
N SER B 235 -18.46 -28.09 9.81
CA SER B 235 -17.33 -28.20 8.91
C SER B 235 -17.84 -28.57 7.52
N ARG B 236 -17.67 -27.65 6.59
CA ARG B 236 -18.05 -27.84 5.19
C ARG B 236 -19.52 -28.32 5.11
N ILE B 237 -20.35 -27.67 5.91
CA ILE B 237 -21.75 -28.05 5.95
C ILE B 237 -22.45 -27.57 4.67
N GLN B 238 -23.36 -28.39 4.16
CA GLN B 238 -24.11 -28.02 2.96
C GLN B 238 -25.33 -27.20 3.35
N GLY B 239 -25.67 -26.25 2.48
CA GLY B 239 -26.86 -25.43 2.66
C GLY B 239 -26.58 -24.22 3.54
N PRO B 240 -27.56 -23.33 3.66
CA PRO B 240 -28.92 -23.39 3.14
C PRO B 240 -29.07 -22.73 1.77
N LEU B 241 -27.98 -22.21 1.22
CA LEU B 241 -28.00 -21.56 -0.11
C LEU B 241 -26.91 -22.15 -0.95
N ALA B 242 -27.19 -22.31 -2.24
CA ALA B 242 -26.19 -22.75 -3.22
C ALA B 242 -25.29 -21.59 -3.68
N ASN B 243 -24.08 -21.91 -4.13
CA ASN B 243 -23.16 -20.95 -4.77
C ASN B 243 -22.85 -19.77 -3.87
N ALA B 244 -22.75 -20.08 -2.58
CA ALA B 244 -22.54 -19.07 -1.54
C ALA B 244 -21.49 -19.51 -0.52
N GLY B 245 -20.56 -20.34 -0.95
CA GLY B 245 -19.58 -20.88 -0.01
C GLY B 245 -20.22 -21.67 1.13
N PHE B 246 -19.63 -21.54 2.31
CA PHE B 246 -20.08 -22.26 3.50
C PHE B 246 -20.46 -21.33 4.64
N ALA B 247 -21.44 -21.77 5.42
CA ALA B 247 -21.84 -21.08 6.63
C ALA B 247 -20.69 -21.18 7.62
N HIS B 248 -20.24 -20.04 8.13
CA HIS B 248 -19.12 -20.05 9.08
C HIS B 248 -19.08 -18.75 9.81
N GLN B 249 -18.18 -18.70 10.77
CA GLN B 249 -17.95 -17.51 11.56
C GLN B 249 -19.24 -17.12 12.34
N GLY B 250 -19.46 -15.85 12.65
CA GLY B 250 -20.63 -15.50 13.46
C GLY B 250 -20.54 -15.86 14.94
N GLY B 251 -21.71 -16.05 15.54
CA GLY B 251 -21.78 -16.24 16.98
C GLY B 251 -23.00 -17.03 17.40
N ILE B 252 -23.07 -17.30 18.70
CA ILE B 252 -24.20 -18.03 19.28
C ILE B 252 -24.91 -17.12 20.30
N VAL B 253 -26.21 -17.33 20.47
CA VAL B 253 -26.99 -16.50 21.38
C VAL B 253 -28.19 -17.30 21.88
N ASP B 254 -28.62 -17.02 23.10
CA ASP B 254 -29.81 -17.65 23.67
C ASP B 254 -31.04 -16.77 23.49
N ALA B 255 -32.17 -17.41 23.24
CA ALA B 255 -33.47 -16.75 23.29
C ALA B 255 -33.94 -16.64 24.75
N PRO B 256 -34.93 -15.80 25.03
CA PRO B 256 -35.42 -15.65 26.41
C PRO B 256 -35.89 -16.98 27.04
N ASP B 257 -36.38 -17.90 26.22
CA ASP B 257 -36.86 -19.19 26.70
C ASP B 257 -35.75 -20.24 26.96
N GLY B 258 -34.50 -19.82 26.76
CA GLY B 258 -33.33 -20.63 27.10
C GLY B 258 -32.79 -21.45 25.94
N THR B 259 -33.44 -21.38 24.79
CA THR B 259 -32.99 -22.07 23.57
C THR B 259 -31.89 -21.26 22.87
N TRP B 260 -30.88 -21.96 22.37
CA TRP B 260 -29.74 -21.32 21.74
C TRP B 260 -29.80 -21.44 20.26
N HIS B 261 -29.13 -20.50 19.61
CA HIS B 261 -29.06 -20.44 18.14
C HIS B 261 -27.69 -20.01 17.68
N TYR B 262 -27.30 -20.52 16.51
CA TYR B 262 -26.04 -20.16 15.89
C TYR B 262 -26.38 -19.28 14.67
N VAL B 263 -25.81 -18.07 14.65
CA VAL B 263 -26.01 -17.15 13.57
C VAL B 263 -24.66 -17.05 12.88
N ALA B 264 -24.59 -17.59 11.68
CA ALA B 264 -23.37 -17.55 10.88
C ALA B 264 -23.62 -16.72 9.62
N PHE B 265 -22.61 -16.59 8.77
CA PHE B 265 -22.84 -15.98 7.48
C PHE B 265 -22.29 -16.85 6.33
N MET B 266 -22.84 -16.61 5.16
CA MET B 266 -22.38 -17.25 3.94
CA MET B 266 -22.47 -17.24 3.89
C MET B 266 -21.70 -16.25 3.02
N ASP B 267 -20.82 -16.79 2.15
CA ASP B 267 -20.08 -16.01 1.14
C ASP B 267 -20.92 -15.87 -0.13
N ALA B 268 -21.99 -15.11 0.00
CA ALA B 268 -22.99 -15.01 -1.05
C ALA B 268 -22.62 -13.94 -2.10
N TYR B 269 -21.36 -13.93 -2.50
CA TYR B 269 -20.89 -13.02 -3.57
C TYR B 269 -21.64 -13.33 -4.86
N PRO B 270 -21.99 -12.31 -5.64
CA PRO B 270 -21.53 -10.92 -5.59
C PRO B 270 -22.34 -9.99 -4.68
N GLY B 271 -23.33 -10.52 -3.96
CA GLY B 271 -24.11 -9.68 -3.02
C GLY B 271 -23.36 -9.34 -1.75
N GLY B 272 -22.49 -10.25 -1.32
CA GLY B 272 -21.74 -10.05 -0.10
C GLY B 272 -21.97 -11.18 0.89
N ARG B 273 -21.79 -10.86 2.16
CA ARG B 273 -21.78 -11.89 3.21
C ARG B 273 -23.01 -11.77 4.11
N ILE B 274 -23.86 -12.80 4.11
CA ILE B 274 -25.24 -12.67 4.60
C ILE B 274 -25.57 -13.71 5.68
N PRO B 275 -26.39 -13.32 6.67
CA PRO B 275 -26.57 -14.16 7.83
C PRO B 275 -27.59 -15.27 7.65
N VAL B 276 -27.26 -16.40 8.26
CA VAL B 276 -28.12 -17.57 8.30
C VAL B 276 -28.23 -18.06 9.75
N VAL B 277 -29.34 -18.69 10.09
CA VAL B 277 -29.62 -19.04 11.47
C VAL B 277 -30.02 -20.51 11.59
N ALA B 278 -29.47 -21.14 12.61
CA ALA B 278 -29.82 -22.51 12.96
C ALA B 278 -29.97 -22.72 14.47
N PRO B 279 -30.86 -23.64 14.89
CA PRO B 279 -30.95 -23.90 16.32
C PRO B 279 -29.74 -24.71 16.82
N LEU B 280 -29.45 -24.60 18.11
CA LEU B 280 -28.44 -25.45 18.76
C LEU B 280 -29.11 -26.35 19.78
N ARG B 281 -28.51 -27.50 20.01
CA ARG B 281 -28.83 -28.34 21.17
C ARG B 281 -27.56 -28.48 22.00
N TRP B 282 -27.73 -28.61 23.32
CA TRP B 282 -26.59 -28.84 24.21
C TRP B 282 -26.57 -30.26 24.65
N THR B 283 -25.40 -30.90 24.56
CA THR B 283 -25.25 -32.30 25.01
C THR B 283 -25.15 -32.35 26.54
N ALA B 284 -25.32 -33.54 27.11
CA ALA B 284 -25.13 -33.74 28.55
C ALA B 284 -23.70 -33.36 28.97
N ASP B 285 -22.77 -33.51 28.03
CA ASP B 285 -21.35 -33.17 28.24
C ASP B 285 -21.05 -31.67 28.25
N GLY B 286 -22.02 -30.83 27.90
CA GLY B 286 -21.87 -29.36 27.93
C GLY B 286 -21.26 -28.76 26.66
N TRP B 287 -21.56 -29.37 25.53
CA TRP B 287 -21.13 -28.87 24.21
C TRP B 287 -22.33 -28.56 23.34
N PRO B 288 -22.28 -27.46 22.57
CA PRO B 288 -23.38 -27.13 21.69
C PRO B 288 -23.22 -27.90 20.37
N GLU B 289 -24.33 -28.28 19.74
CA GLU B 289 -24.32 -28.90 18.41
C GLU B 289 -25.40 -28.30 17.51
N VAL B 290 -25.10 -28.11 16.23
CA VAL B 290 -26.08 -27.58 15.29
C VAL B 290 -27.17 -28.59 14.98
N VAL B 291 -28.42 -28.13 15.05
CA VAL B 291 -29.57 -28.92 14.62
C VAL B 291 -29.69 -28.78 13.12
N THR B 292 -29.37 -29.86 12.41
CA THR B 292 -29.41 -29.88 10.95
C THR B 292 -30.79 -30.32 10.46
N ASP B 293 -31.04 -30.15 9.17
CA ASP B 293 -32.25 -30.70 8.56
C ASP B 293 -32.09 -32.21 8.37
N SER B 294 -33.10 -32.84 7.77
CA SER B 294 -33.19 -34.30 7.61
C SER B 294 -32.05 -34.95 6.83
N GLN B 295 -31.34 -34.16 6.03
CA GLN B 295 -30.23 -34.63 5.20
C GLN B 295 -28.86 -34.19 5.72
N GLY B 296 -28.82 -33.64 6.94
CA GLY B 296 -27.55 -33.28 7.54
C GLY B 296 -27.07 -31.90 7.13
N ARG B 297 -27.98 -31.12 6.56
CA ARG B 297 -27.65 -29.79 6.04
C ARG B 297 -28.06 -28.69 6.99
N TRP B 298 -27.47 -27.51 6.80
CA TRP B 298 -28.03 -26.32 7.40
C TRP B 298 -29.37 -26.12 6.76
N GLY B 299 -30.44 -26.17 7.56
CA GLY B 299 -31.80 -26.15 7.04
C GLY B 299 -32.16 -24.87 6.33
N THR B 300 -32.99 -25.00 5.30
CA THR B 300 -33.49 -23.85 4.57
C THR B 300 -34.55 -23.15 5.41
N SER B 301 -35.24 -23.91 6.27
CA SER B 301 -36.27 -23.34 7.14
C SER B 301 -36.26 -24.03 8.53
N TYR B 302 -36.55 -23.24 9.56
CA TYR B 302 -36.58 -23.73 10.94
C TYR B 302 -37.73 -23.06 11.67
N PRO B 303 -38.08 -23.60 12.87
CA PRO B 303 -39.04 -22.90 13.75
C PRO B 303 -38.55 -21.49 14.11
N ILE B 304 -39.49 -20.56 14.19
CA ILE B 304 -39.16 -19.19 14.58
C ILE B 304 -38.49 -19.20 15.98
N PRO B 305 -37.36 -18.51 16.15
CA PRO B 305 -36.66 -18.62 17.45
C PRO B 305 -37.42 -18.05 18.64
N VAL B 306 -38.22 -17.01 18.40
CA VAL B 306 -39.09 -16.41 19.41
C VAL B 306 -40.49 -16.35 18.76
N ARG B 307 -41.45 -17.01 19.39
CA ARG B 307 -42.84 -16.98 18.92
C ARG B 307 -43.56 -15.72 19.39
N GLY B 308 -44.46 -15.22 18.56
CA GLY B 308 -45.27 -14.02 18.89
C GLY B 308 -44.43 -12.79 19.19
N ALA B 309 -43.34 -12.60 18.43
CA ALA B 309 -42.38 -11.54 18.73
C ALA B 309 -42.87 -10.16 18.32
N LYS B 310 -42.38 -9.15 19.04
CA LYS B 310 -42.55 -7.76 18.66
C LYS B 310 -41.97 -7.47 17.26
N ASN B 311 -42.24 -6.27 16.77
CA ASN B 311 -41.66 -5.83 15.50
C ASN B 311 -40.66 -4.71 15.66
N ALA B 312 -39.50 -4.88 15.03
CA ALA B 312 -38.36 -3.99 15.24
C ALA B 312 -38.37 -2.72 14.39
N THR B 313 -39.56 -2.39 13.87
CA THR B 313 -39.78 -1.16 13.06
C THR B 313 -39.28 0.08 13.78
N GLU B 314 -38.33 0.76 13.14
CA GLU B 314 -37.67 1.94 13.71
C GLU B 314 -37.00 2.60 12.51
N GLY B 315 -37.43 3.82 12.17
CA GLY B 315 -36.92 4.46 10.95
C GLY B 315 -37.31 3.74 9.67
N LEU B 316 -36.67 4.12 8.56
CA LEU B 316 -37.01 3.57 7.27
C LEU B 316 -36.54 2.11 7.13
N ALA B 317 -37.40 1.26 6.57
CA ALA B 317 -37.00 -0.10 6.19
C ALA B 317 -36.17 -0.01 4.92
N SER B 318 -35.47 -1.08 4.58
CA SER B 318 -34.56 -1.10 3.42
C SER B 318 -35.24 -0.72 2.13
N THR B 319 -36.50 -1.09 1.96
CA THR B 319 -37.22 -0.84 0.71
C THR B 319 -38.17 0.37 0.77
N ASP B 320 -38.14 1.12 1.87
CA ASP B 320 -38.95 2.33 1.98
C ASP B 320 -38.34 3.46 1.14
N LEU B 321 -39.24 4.25 0.52
CA LEU B 321 -38.84 5.46 -0.15
C LEU B 321 -38.09 6.37 0.83
N ASP B 322 -36.95 6.87 0.39
CA ASP B 322 -36.16 7.78 1.22
C ASP B 322 -36.00 9.09 0.49
N GLU B 323 -36.67 10.13 0.99
CA GLU B 323 -36.56 11.44 0.38
C GLU B 323 -35.63 12.37 1.17
N PHE B 324 -34.73 11.77 1.95
CA PHE B 324 -33.72 12.49 2.71
C PHE B 324 -34.33 13.56 3.58
N ARG B 325 -35.29 13.13 4.39
CA ARG B 325 -36.04 14.06 5.24
C ARG B 325 -35.35 14.07 6.60
N GLY B 326 -35.58 15.13 7.35
CA GLY B 326 -35.08 15.20 8.72
C GLY B 326 -33.66 15.70 8.80
N THR B 327 -33.01 15.40 9.93
CA THR B 327 -31.70 15.97 10.27
C THR B 327 -30.57 14.93 10.37
N ARG B 328 -30.86 13.70 9.97
CA ARG B 328 -29.91 12.59 10.05
C ARG B 328 -30.15 11.69 8.82
N PHE B 329 -29.11 11.02 8.32
CA PHE B 329 -29.33 9.96 7.34
C PHE B 329 -30.00 8.78 8.02
N SER B 330 -30.83 8.04 7.28
CA SER B 330 -31.23 6.72 7.73
C SER B 330 -30.00 5.86 7.96
N GLU B 331 -30.21 4.77 8.69
CA GLU B 331 -29.13 3.84 9.02
C GLU B 331 -28.62 3.04 7.85
N HIS B 332 -29.31 3.10 6.72
CA HIS B 332 -28.89 2.36 5.53
C HIS B 332 -27.74 2.97 4.76
N TRP B 333 -27.48 4.26 4.94
CA TRP B 333 -26.47 4.95 4.12
C TRP B 333 -25.12 5.01 4.80
N GLU B 334 -24.06 4.79 4.01
CA GLU B 334 -22.69 4.99 4.46
C GLU B 334 -21.89 5.62 3.31
N TRP B 335 -21.05 6.60 3.62
CA TRP B 335 -20.14 7.18 2.65
C TRP B 335 -19.01 6.22 2.34
N ASN B 336 -18.44 6.35 1.14
CA ASN B 336 -17.17 5.71 0.85
C ASN B 336 -16.08 6.63 1.43
N HIS B 337 -15.40 6.15 2.47
CA HIS B 337 -14.45 6.93 3.30
C HIS B 337 -15.20 8.03 4.04
N ASN B 338 -14.52 8.72 4.96
CA ASN B 338 -15.18 9.83 5.67
C ASN B 338 -15.60 10.92 4.70
N PRO B 339 -16.79 11.49 4.91
CA PRO B 339 -17.24 12.57 4.04
C PRO B 339 -16.55 13.90 4.36
N ASP B 340 -16.52 14.81 3.36
CA ASP B 340 -16.24 16.22 3.60
C ASP B 340 -17.54 16.85 4.08
N THR B 341 -17.59 17.12 5.37
CA THR B 341 -18.84 17.59 5.98
C THR B 341 -19.23 19.00 5.61
N SER B 342 -18.36 19.71 4.91
CA SER B 342 -18.67 21.02 4.41
C SER B 342 -19.35 20.98 3.03
N LYS B 343 -19.47 19.78 2.45
CA LYS B 343 -19.90 19.65 1.07
C LYS B 343 -21.25 18.94 0.86
N PHE B 344 -21.90 18.48 1.93
CA PHE B 344 -23.24 17.95 1.75
C PHE B 344 -24.19 18.59 2.74
N THR B 345 -25.45 18.64 2.33
CA THR B 345 -26.50 19.26 3.14
C THR B 345 -27.80 18.48 3.10
N LEU B 346 -28.35 18.17 4.25
CA LEU B 346 -29.73 17.67 4.32
C LEU B 346 -30.63 18.88 4.51
N LEU B 347 -31.53 19.11 3.56
CA LEU B 347 -32.27 20.38 3.55
C LEU B 347 -33.27 20.51 4.72
N GLY B 348 -33.91 19.41 5.09
CA GLY B 348 -34.77 19.40 6.29
C GLY B 348 -36.12 20.09 6.13
N GLY B 349 -36.48 20.45 4.89
CA GLY B 349 -37.75 21.12 4.65
C GLY B 349 -38.84 20.12 4.32
N ASN B 350 -39.95 20.65 3.80
CA ASN B 350 -41.13 19.86 3.51
C ASN B 350 -40.84 18.72 2.57
N GLU B 351 -39.96 18.97 1.59
CA GLU B 351 -39.69 18.02 0.53
C GLU B 351 -38.47 17.16 0.84
N GLY B 352 -37.71 17.50 1.89
CA GLY B 352 -36.44 16.80 2.16
C GLY B 352 -35.40 17.17 1.12
N GLY B 353 -34.55 16.22 0.75
CA GLY B 353 -33.51 16.46 -0.26
C GLY B 353 -32.11 16.57 0.31
N LEU B 354 -31.16 16.01 -0.41
CA LEU B 354 -29.74 16.01 -0.06
C LEU B 354 -28.97 16.79 -1.12
N ILE B 355 -28.27 17.86 -0.74
CA ILE B 355 -27.38 18.50 -1.71
C ILE B 355 -25.96 17.92 -1.59
N LEU B 356 -25.41 17.50 -2.73
CA LEU B 356 -24.04 17.02 -2.79
C LEU B 356 -23.28 18.05 -3.60
N ARG B 357 -22.47 18.84 -2.91
CA ARG B 357 -21.56 19.78 -3.58
C ARG B 357 -20.30 19.03 -3.97
N THR B 358 -19.75 19.28 -5.15
CA THR B 358 -18.53 18.53 -5.52
C THR B 358 -17.45 18.78 -4.46
N ALA B 359 -16.74 17.71 -4.11
CA ALA B 359 -15.78 17.77 -2.99
C ALA B 359 -14.36 17.48 -3.43
N THR B 360 -14.22 16.91 -4.63
CA THR B 360 -12.92 16.48 -5.13
C THR B 360 -12.81 16.80 -6.61
N VAL B 361 -11.64 17.27 -7.01
CA VAL B 361 -11.26 17.45 -8.42
C VAL B 361 -10.40 16.27 -8.82
N THR B 362 -10.88 15.49 -9.79
CA THR B 362 -10.26 14.23 -10.16
C THR B 362 -10.93 13.69 -11.42
N GLY B 363 -10.24 12.82 -12.16
CA GLY B 363 -10.89 12.07 -13.25
C GLY B 363 -11.25 10.66 -12.81
N ASP B 364 -11.01 10.37 -11.54
CA ASP B 364 -11.07 9.00 -11.00
C ASP B 364 -12.19 8.89 -9.95
N LEU B 365 -13.28 8.17 -10.26
CA LEU B 365 -14.34 7.98 -9.26
C LEU B 365 -13.85 7.42 -7.92
N PHE B 366 -12.88 6.52 -7.95
CA PHE B 366 -12.40 5.95 -6.70
C PHE B 366 -11.68 6.96 -5.79
N ALA B 367 -11.29 8.09 -6.38
CA ALA B 367 -10.61 9.16 -5.66
C ALA B 367 -11.59 10.20 -5.13
N ALA B 368 -12.85 10.11 -5.55
CA ALA B 368 -13.83 11.16 -5.23
C ALA B 368 -14.39 11.02 -3.83
N ARG B 369 -14.34 12.09 -3.07
CA ARG B 369 -15.03 12.14 -1.76
C ARG B 369 -16.54 12.22 -1.96
N ASN B 370 -17.26 11.82 -0.91
CA ASN B 370 -18.70 12.06 -0.81
C ASN B 370 -19.49 11.23 -1.82
N THR B 371 -19.04 10.01 -2.06
CA THR B 371 -19.94 9.02 -2.70
C THR B 371 -20.73 8.32 -1.58
N LEU B 372 -22.05 8.41 -1.68
CA LEU B 372 -22.96 7.89 -0.64
C LEU B 372 -23.53 6.54 -1.09
N THR B 373 -23.37 5.52 -0.27
CA THR B 373 -23.63 4.11 -0.68
C THR B 373 -24.60 3.41 0.24
N ARG B 374 -25.20 2.34 -0.27
CA ARG B 374 -26.02 1.48 0.58
C ARG B 374 -26.03 0.05 0.07
N ARG B 375 -26.36 -0.89 0.94
CA ARG B 375 -26.35 -2.31 0.56
C ARG B 375 -27.47 -2.65 -0.42
N ILE B 376 -27.23 -3.62 -1.29
CA ILE B 376 -28.26 -4.12 -2.20
C ILE B 376 -28.90 -5.32 -1.52
N ALA B 377 -30.22 -5.36 -1.49
CA ALA B 377 -30.92 -6.56 -0.96
C ALA B 377 -31.08 -7.62 -2.05
N GLY B 378 -30.89 -8.90 -1.72
CA GLY B 378 -30.94 -9.92 -2.75
C GLY B 378 -32.19 -10.78 -2.76
N PRO B 379 -32.33 -11.64 -3.78
CA PRO B 379 -31.31 -11.87 -4.83
C PRO B 379 -31.24 -10.81 -5.96
N LYS B 380 -32.31 -10.05 -6.20
CA LYS B 380 -32.33 -9.08 -7.28
C LYS B 380 -33.09 -7.86 -6.80
N ALA B 381 -32.53 -6.69 -7.06
CA ALA B 381 -33.18 -5.46 -6.65
C ALA B 381 -32.87 -4.31 -7.60
N SER B 382 -33.77 -3.32 -7.62
CA SER B 382 -33.58 -2.10 -8.39
C SER B 382 -33.27 -0.99 -7.44
N GLY B 383 -32.34 -0.13 -7.81
CA GLY B 383 -32.07 1.11 -7.05
C GLY B 383 -32.45 2.29 -7.92
N ILE B 384 -33.44 3.04 -7.44
CA ILE B 384 -33.97 4.20 -8.15
C ILE B 384 -33.50 5.49 -7.49
N PHE B 385 -32.76 6.32 -8.23
CA PHE B 385 -32.32 7.64 -7.73
C PHE B 385 -33.03 8.76 -8.49
N ARG B 386 -33.44 9.79 -7.76
CA ARG B 386 -34.08 10.94 -8.38
C ARG B 386 -33.24 12.20 -8.10
N LEU B 387 -32.88 12.92 -9.17
CA LEU B 387 -31.93 14.05 -9.05
C LEU B 387 -32.42 15.33 -9.68
N ASP B 388 -31.94 16.46 -9.15
CA ASP B 388 -32.02 17.78 -9.83
C ASP B 388 -30.56 18.16 -10.09
N VAL B 389 -30.17 18.21 -11.36
CA VAL B 389 -28.76 18.44 -11.71
C VAL B 389 -28.50 19.83 -12.29
N ARG B 390 -29.42 20.77 -12.05
CA ARG B 390 -29.26 22.12 -12.61
C ARG B 390 -28.02 22.86 -12.11
N GLY B 391 -27.55 22.50 -10.91
CA GLY B 391 -26.38 23.14 -10.30
C GLY B 391 -25.03 22.62 -10.77
N MET B 392 -25.00 21.71 -11.76
CA MET B 392 -23.73 21.18 -12.22
C MET B 392 -22.96 22.23 -13.00
N ARG B 393 -21.64 22.22 -12.82
CA ARG B 393 -20.76 23.11 -13.56
C ARG B 393 -19.85 22.31 -14.51
N ASP B 394 -19.17 23.03 -15.39
CA ASP B 394 -18.26 22.44 -16.39
C ASP B 394 -17.29 21.47 -15.74
N GLY B 395 -17.29 20.26 -16.28
CA GLY B 395 -16.43 19.20 -15.77
C GLY B 395 -17.04 18.31 -14.71
N ASP B 396 -18.25 18.61 -14.25
CA ASP B 396 -18.88 17.78 -13.22
C ASP B 396 -19.39 16.46 -13.79
N ARG B 397 -19.30 15.45 -12.94
CA ARG B 397 -19.80 14.11 -13.24
C ARG B 397 -20.54 13.61 -12.02
N ALA B 398 -21.82 13.29 -12.20
CA ALA B 398 -22.67 12.87 -11.07
C ALA B 398 -23.55 11.71 -11.55
N GLY B 399 -23.98 10.85 -10.64
CA GLY B 399 -24.82 9.74 -11.07
C GLY B 399 -25.03 8.66 -10.06
N ALA B 400 -25.57 7.55 -10.58
CA ALA B 400 -25.92 6.37 -9.80
C ALA B 400 -24.93 5.29 -10.16
N VAL B 401 -24.20 4.79 -9.18
CA VAL B 401 -23.09 3.87 -9.40
C VAL B 401 -23.39 2.52 -8.75
N LEU B 402 -23.06 1.47 -9.49
CA LEU B 402 -23.00 0.12 -8.94
C LEU B 402 -21.57 0.02 -8.46
N PHE B 403 -21.42 0.21 -7.15
CA PHE B 403 -20.12 0.50 -6.56
C PHE B 403 -19.44 -0.73 -5.96
N ARG B 404 -18.23 -0.98 -6.44
CA ARG B 404 -17.30 -1.98 -5.86
C ARG B 404 -15.95 -1.78 -6.57
N ASP B 405 -15.05 -2.76 -6.47
CA ASP B 405 -13.74 -2.67 -7.12
C ASP B 405 -13.79 -2.87 -8.65
N ARG B 406 -14.87 -3.47 -9.17
CA ARG B 406 -15.22 -3.45 -10.60
C ARG B 406 -16.60 -2.75 -10.69
N ALA B 407 -16.60 -1.49 -11.13
CA ALA B 407 -17.79 -0.64 -11.03
C ALA B 407 -18.30 -0.16 -12.40
N ALA B 408 -19.52 0.37 -12.39
CA ALA B 408 -20.13 0.97 -13.57
C ALA B 408 -21.20 1.93 -13.09
N TYR B 409 -21.51 2.94 -13.90
CA TYR B 409 -22.52 3.91 -13.54
C TYR B 409 -23.30 4.45 -14.71
N ILE B 410 -24.45 5.01 -14.38
CA ILE B 410 -25.17 5.83 -15.32
C ILE B 410 -25.28 7.19 -14.67
N GLY B 411 -25.05 8.25 -15.42
CA GLY B 411 -25.11 9.55 -14.81
C GLY B 411 -25.10 10.66 -15.81
N VAL B 412 -24.75 11.85 -15.33
CA VAL B 412 -24.76 13.04 -16.13
C VAL B 412 -23.37 13.59 -16.16
N TRP B 413 -22.92 13.91 -17.37
CA TRP B 413 -21.71 14.70 -17.54
C TRP B 413 -21.98 16.09 -18.03
N LYS B 414 -21.43 17.09 -17.36
CA LYS B 414 -21.57 18.48 -17.80
C LYS B 414 -20.26 18.92 -18.45
N GLN B 415 -20.31 19.26 -19.73
CA GLN B 415 -19.12 19.69 -20.47
C GLN B 415 -19.50 20.97 -21.20
N GLY B 416 -18.84 22.07 -20.81
CA GLY B 416 -19.20 23.39 -21.34
C GLY B 416 -20.64 23.64 -20.97
N ASN B 417 -21.47 23.95 -21.97
CA ASN B 417 -22.87 24.19 -21.69
C ASN B 417 -23.77 22.99 -21.94
N GLU B 418 -23.17 21.83 -22.21
CA GLU B 418 -23.90 20.61 -22.56
C GLU B 418 -24.00 19.69 -21.33
N ALA B 419 -25.20 19.32 -20.90
CA ALA B 419 -25.36 18.24 -19.92
C ALA B 419 -25.90 17.04 -20.66
N ARG B 420 -25.24 15.90 -20.52
CA ARG B 420 -25.81 14.71 -21.12
C ARG B 420 -25.69 13.49 -20.26
N ILE B 421 -26.56 12.53 -20.56
CA ILE B 421 -26.56 11.27 -19.86
C ILE B 421 -25.56 10.34 -20.50
N VAL B 422 -24.83 9.61 -19.67
CA VAL B 422 -23.78 8.67 -20.11
C VAL B 422 -23.85 7.41 -19.27
N MET B 423 -23.44 6.28 -19.86
CA MET B 423 -23.22 5.07 -19.11
C MET B 423 -21.75 4.73 -19.22
N VAL B 424 -21.10 4.60 -18.06
CA VAL B 424 -19.66 4.36 -17.94
C VAL B 424 -19.36 3.03 -17.32
N ASP B 425 -18.45 2.27 -17.94
CA ASP B 425 -18.03 1.01 -17.35
C ASP B 425 -16.50 0.92 -17.28
N ASP B 426 -15.99 -0.28 -17.01
CA ASP B 426 -14.56 -0.50 -16.83
C ASP B 426 -13.90 0.42 -15.78
N LEU B 427 -14.59 0.68 -14.67
CA LEU B 427 -13.99 1.36 -13.53
C LEU B 427 -13.44 0.24 -12.68
N ARG B 428 -12.13 0.24 -12.48
CA ARG B 428 -11.50 -0.88 -11.78
C ARG B 428 -10.41 -0.47 -10.81
N LEU B 429 -10.42 -1.10 -9.63
CA LEU B 429 -9.27 -1.08 -8.73
C LEU B 429 -8.46 -2.35 -8.96
N ASN B 430 -7.14 -2.23 -8.77
CA ASN B 430 -6.26 -3.40 -8.81
C ASN B 430 -6.35 -4.10 -7.45
N GLU B 431 -6.78 -5.36 -7.44
CA GLU B 431 -6.83 -6.13 -6.19
C GLU B 431 -5.48 -6.19 -5.47
N ASP B 432 -4.37 -6.13 -6.21
CA ASP B 432 -3.05 -6.11 -5.58
C ASP B 432 -2.71 -4.66 -5.21
N GLY B 433 -3.13 -4.23 -4.01
CA GLY B 433 -2.79 -2.91 -3.51
C GLY B 433 -3.85 -1.83 -3.60
N TRP B 434 -4.96 -2.08 -4.32
CA TRP B 434 -6.10 -1.15 -4.38
C TRP B 434 -5.82 0.20 -4.96
N ARG B 435 -4.79 0.30 -5.80
CA ARG B 435 -4.66 1.45 -6.68
C ARG B 435 -5.61 1.35 -7.88
N THR B 436 -5.99 2.50 -8.41
CA THR B 436 -6.83 2.50 -9.61
C THR B 436 -6.14 1.86 -10.83
N ALA B 437 -6.81 0.89 -11.42
CA ALA B 437 -6.36 0.25 -12.66
C ALA B 437 -6.97 0.91 -13.91
N SER B 438 -8.23 1.34 -13.81
CA SER B 438 -8.88 2.01 -14.94
C SER B 438 -9.89 3.00 -14.41
N THR B 439 -9.85 4.21 -14.97
CA THR B 439 -10.78 5.28 -14.58
C THR B 439 -12.07 5.31 -15.41
N GLY B 440 -12.26 4.29 -16.24
CA GLY B 440 -13.53 4.07 -16.93
C GLY B 440 -13.59 4.54 -18.37
N ARG B 441 -14.59 4.08 -19.11
CA ARG B 441 -14.88 4.57 -20.45
C ARG B 441 -16.38 4.73 -20.62
N VAL B 442 -16.76 5.71 -21.44
CA VAL B 442 -18.16 5.87 -21.81
C VAL B 442 -18.52 4.73 -22.75
N ALA B 443 -19.41 3.86 -22.33
CA ALA B 443 -19.83 2.71 -23.12
C ALA B 443 -21.04 3.04 -24.01
N ALA B 444 -21.78 4.08 -23.60
CA ALA B 444 -22.92 4.57 -24.39
C ALA B 444 -23.29 5.99 -23.96
N ASN B 445 -23.67 6.81 -24.92
CA ASN B 445 -24.18 8.14 -24.67
C ASN B 445 -25.68 8.16 -24.79
N GLY B 446 -26.31 8.76 -23.80
CA GLY B 446 -27.73 9.06 -23.89
C GLY B 446 -27.88 10.50 -24.32
N PRO B 447 -29.08 11.07 -24.13
CA PRO B 447 -29.36 12.38 -24.69
C PRO B 447 -28.76 13.56 -23.95
N VAL B 448 -28.68 14.67 -24.68
CA VAL B 448 -28.49 15.97 -24.10
C VAL B 448 -29.77 16.34 -23.37
N ILE B 449 -29.63 16.90 -22.17
CA ILE B 449 -30.76 17.27 -21.34
C ILE B 449 -30.81 18.78 -21.13
N ASP B 450 -31.95 19.38 -21.47
CA ASP B 450 -32.15 20.82 -21.24
C ASP B 450 -32.48 21.08 -19.78
N THR B 451 -32.49 22.36 -19.40
CA THR B 451 -32.68 22.78 -18.02
C THR B 451 -33.98 22.22 -17.48
N ASN B 452 -34.99 22.15 -18.35
CA ASN B 452 -36.27 21.57 -17.98
C ASN B 452 -36.17 20.10 -17.56
N ALA B 453 -35.45 19.32 -18.35
CA ALA B 453 -35.16 17.92 -18.00
C ALA B 453 -34.27 17.83 -16.76
N GLN B 454 -33.29 18.73 -16.64
CA GLN B 454 -32.29 18.67 -15.56
C GLN B 454 -32.88 18.78 -14.18
N GLN B 455 -34.03 19.45 -14.06
CA GLN B 455 -34.64 19.63 -12.74
C GLN B 455 -35.19 18.33 -12.14
N ASP B 456 -35.40 17.30 -12.97
CA ASP B 456 -35.93 16.03 -12.47
C ASP B 456 -35.45 14.87 -13.32
N ILE B 457 -34.24 14.41 -13.04
CA ILE B 457 -33.69 13.26 -13.74
C ILE B 457 -33.77 12.00 -12.87
N TRP B 458 -34.23 10.88 -13.45
CA TRP B 458 -34.26 9.63 -12.69
C TRP B 458 -33.30 8.65 -13.30
N LEU B 459 -32.66 7.87 -12.45
CA LEU B 459 -31.64 6.89 -12.87
C LEU B 459 -31.93 5.62 -12.11
N ARG B 460 -31.89 4.49 -12.83
CA ARG B 460 -32.16 3.24 -12.15
C ARG B 460 -31.11 2.20 -12.45
N ILE B 461 -30.71 1.45 -11.42
CA ILE B 461 -29.81 0.32 -11.53
C ILE B 461 -30.57 -0.96 -11.21
N ASP B 462 -30.63 -1.89 -12.17
CA ASP B 462 -31.32 -3.18 -11.96
C ASP B 462 -30.25 -4.25 -11.76
N ALA B 463 -30.09 -4.69 -10.52
CA ALA B 463 -28.94 -5.52 -10.17
C ALA B 463 -29.34 -6.94 -9.84
N ASP B 464 -28.53 -7.89 -10.29
CA ASP B 464 -28.72 -9.29 -9.95
C ASP B 464 -27.58 -9.69 -9.02
N ILE B 465 -27.89 -10.03 -7.76
CA ILE B 465 -26.84 -10.49 -6.86
C ILE B 465 -27.06 -11.93 -6.47
N THR B 466 -27.77 -12.68 -7.32
CA THR B 466 -27.93 -14.11 -7.11
C THR B 466 -26.54 -14.72 -6.89
N PRO B 467 -26.36 -15.47 -5.79
CA PRO B 467 -25.04 -16.01 -5.43
C PRO B 467 -24.37 -16.73 -6.58
N ALA B 468 -23.07 -16.47 -6.78
CA ALA B 468 -22.34 -17.07 -7.90
C ALA B 468 -20.93 -17.39 -7.45
N PHE B 469 -20.79 -17.52 -6.14
CA PHE B 469 -19.47 -17.70 -5.55
C PHE B 469 -19.03 -19.12 -5.88
N GLY B 470 -17.82 -19.25 -6.40
CA GLY B 470 -17.26 -20.54 -6.75
C GLY B 470 -17.80 -21.10 -8.05
N THR B 471 -18.51 -20.27 -8.82
CA THR B 471 -18.98 -20.68 -10.13
C THR B 471 -18.18 -19.95 -11.20
N ASN B 472 -18.48 -20.28 -12.45
CA ASN B 472 -17.85 -19.62 -13.58
C ASN B 472 -18.81 -18.68 -14.27
N THR B 473 -19.87 -18.27 -13.57
CA THR B 473 -20.87 -17.37 -14.15
C THR B 473 -20.85 -16.02 -13.45
N GLU B 474 -20.74 -14.94 -14.21
CA GLU B 474 -20.84 -13.61 -13.65
C GLU B 474 -22.26 -13.09 -13.88
N ARG B 475 -22.87 -12.59 -12.81
CA ARG B 475 -24.15 -11.88 -12.87
C ARG B 475 -24.02 -10.53 -13.58
N THR B 476 -25.14 -10.05 -14.12
CA THR B 476 -25.16 -8.75 -14.80
C THR B 476 -26.15 -7.76 -14.19
N THR B 477 -25.83 -6.49 -14.41
CA THR B 477 -26.65 -5.38 -14.00
C THR B 477 -26.91 -4.50 -15.22
N THR B 478 -28.11 -3.93 -15.31
CA THR B 478 -28.46 -2.99 -16.39
C THR B 478 -28.85 -1.63 -15.82
N PHE B 479 -28.74 -0.60 -16.64
CA PHE B 479 -28.90 0.78 -16.22
C PHE B 479 -29.93 1.48 -17.10
N TYR B 480 -30.67 2.39 -16.48
CA TYR B 480 -31.84 3.04 -17.10
C TYR B 480 -31.88 4.50 -16.70
N TYR B 481 -32.40 5.34 -17.60
CA TYR B 481 -32.66 6.76 -17.28
C TYR B 481 -34.08 7.18 -17.66
N SER B 482 -34.60 8.18 -16.95
CA SER B 482 -35.84 8.83 -17.34
C SER B 482 -35.65 10.34 -17.42
N ILE B 483 -36.11 10.90 -18.52
CA ILE B 483 -36.12 12.34 -18.75
C ILE B 483 -37.54 12.92 -18.78
N ASP B 484 -38.54 12.09 -18.42
CA ASP B 484 -39.92 12.58 -18.39
C ASP B 484 -40.51 12.45 -16.99
N GLY B 485 -39.69 12.82 -16.00
CA GLY B 485 -40.18 12.88 -14.63
C GLY B 485 -40.46 11.51 -14.03
N GLY B 486 -39.81 10.49 -14.56
CA GLY B 486 -39.89 9.15 -13.95
C GLY B 486 -41.05 8.35 -14.49
N ARG B 487 -41.71 8.84 -15.52
CA ARG B 487 -42.86 8.14 -16.09
C ARG B 487 -42.44 6.95 -16.99
N THR B 488 -41.36 7.12 -17.76
CA THR B 488 -40.87 6.03 -18.62
C THR B 488 -39.36 6.04 -18.53
N TYR B 489 -38.72 4.91 -18.86
CA TYR B 489 -37.27 4.74 -18.76
C TYR B 489 -36.70 4.15 -20.04
N THR B 490 -35.47 4.56 -20.35
CA THR B 490 -34.75 4.02 -21.48
C THR B 490 -33.51 3.28 -20.99
N ARG B 491 -33.26 2.09 -21.55
CA ARG B 491 -32.06 1.32 -21.25
C ARG B 491 -30.86 2.02 -21.87
N LEU B 492 -29.73 2.06 -21.17
CA LEU B 492 -28.53 2.68 -21.73
C LEU B 492 -27.33 1.81 -21.40
N GLY B 493 -26.61 1.41 -22.43
CA GLY B 493 -25.36 0.68 -22.23
C GLY B 493 -25.51 -0.82 -22.24
N PRO B 494 -24.36 -1.51 -22.20
CA PRO B 494 -24.34 -2.96 -22.15
C PRO B 494 -24.78 -3.49 -20.78
N ALA B 495 -25.07 -4.79 -20.71
CA ALA B 495 -25.26 -5.46 -19.45
C ALA B 495 -23.88 -5.58 -18.81
N PHE B 496 -23.74 -5.08 -17.59
CA PHE B 496 -22.45 -5.02 -16.89
C PHE B 496 -22.21 -6.29 -16.08
N ALA B 497 -21.13 -7.00 -16.42
CA ALA B 497 -20.76 -8.22 -15.73
C ALA B 497 -20.03 -7.87 -14.44
N MET B 498 -20.50 -8.48 -13.36
CA MET B 498 -20.05 -8.21 -11.99
C MET B 498 -19.05 -9.27 -11.53
N THR B 499 -18.05 -8.84 -10.76
CA THR B 499 -17.06 -9.77 -10.24
C THR B 499 -17.58 -10.64 -9.09
N ASN B 500 -17.08 -11.88 -9.05
CA ASN B 500 -17.37 -12.82 -7.98
C ASN B 500 -16.22 -12.94 -7.00
N SER B 501 -15.22 -12.07 -7.16
CA SER B 501 -14.08 -12.07 -6.25
C SER B 501 -14.44 -11.67 -4.84
N TRP B 502 -13.87 -12.35 -3.86
CA TRP B 502 -14.06 -11.99 -2.44
C TRP B 502 -13.06 -10.96 -1.91
N ARG B 503 -12.03 -10.63 -2.69
CA ARG B 503 -10.91 -9.83 -2.16
C ARG B 503 -11.22 -8.42 -1.62
N TYR B 504 -12.22 -7.77 -2.18
CA TYR B 504 -12.64 -6.46 -1.69
C TYR B 504 -13.49 -6.61 -0.42
N PHE B 505 -13.92 -7.85 -0.15
CA PHE B 505 -14.77 -8.25 0.99
C PHE B 505 -16.20 -7.75 0.96
N THR B 506 -16.37 -6.43 0.91
CA THR B 506 -17.68 -5.79 0.87
C THR B 506 -18.42 -6.23 -0.42
N GLY B 507 -19.72 -6.43 -0.33
CA GLY B 507 -20.52 -6.74 -1.52
C GLY B 507 -20.73 -5.52 -2.43
N TYR B 508 -21.35 -5.76 -3.59
CA TYR B 508 -21.74 -4.65 -4.48
C TYR B 508 -22.75 -3.75 -3.78
N ARG B 509 -22.62 -2.44 -3.98
CA ARG B 509 -23.54 -1.46 -3.39
C ARG B 509 -24.17 -0.55 -4.42
N PHE B 510 -25.33 0.02 -4.10
CA PHE B 510 -25.85 1.16 -4.83
C PHE B 510 -25.22 2.43 -4.25
N GLY B 511 -24.88 3.38 -5.11
CA GLY B 511 -24.40 4.65 -4.61
C GLY B 511 -24.77 5.84 -5.50
N VAL B 512 -24.60 7.02 -4.92
CA VAL B 512 -24.71 8.26 -5.69
C VAL B 512 -23.43 9.07 -5.49
N PHE B 513 -22.90 9.62 -6.58
CA PHE B 513 -21.62 10.37 -6.53
C PHE B 513 -21.75 11.70 -7.25
N ASN B 514 -20.78 12.56 -6.96
CA ASN B 514 -20.69 13.83 -7.63
C ASN B 514 -19.30 14.38 -7.45
N PHE B 515 -18.55 14.51 -8.55
CA PHE B 515 -17.23 15.12 -8.48
C PHE B 515 -16.96 15.96 -9.72
N SER B 516 -15.84 16.68 -9.74
CA SER B 516 -15.51 17.43 -10.95
C SER B 516 -14.15 17.09 -11.50
N THR B 517 -14.01 17.19 -12.81
CA THR B 517 -12.71 16.99 -13.43
C THR B 517 -11.98 18.33 -13.58
N LYS B 518 -12.65 19.44 -13.27
CA LYS B 518 -12.12 20.79 -13.52
C LYS B 518 -11.91 21.64 -12.26
N SER B 519 -12.98 21.87 -11.50
CA SER B 519 -12.92 22.74 -10.33
C SER B 519 -14.12 22.47 -9.43
N LEU B 520 -14.00 22.86 -8.17
CA LEU B 520 -15.14 22.76 -7.26
C LEU B 520 -16.13 23.88 -7.55
N GLY B 521 -17.32 23.79 -6.95
CA GLY B 521 -18.30 24.86 -7.09
C GLY B 521 -19.66 24.38 -7.50
N GLY B 522 -19.71 23.23 -8.20
CA GLY B 522 -20.97 22.67 -8.66
C GLY B 522 -21.65 21.85 -7.57
N GLU B 523 -22.91 21.51 -7.81
CA GLU B 523 -23.66 20.67 -6.90
C GLU B 523 -24.82 20.01 -7.63
N VAL B 524 -25.27 18.89 -7.08
CA VAL B 524 -26.55 18.29 -7.48
C VAL B 524 -27.40 18.08 -6.25
N LYS B 525 -28.71 17.91 -6.47
CA LYS B 525 -29.63 17.60 -5.37
C LYS B 525 -30.14 16.20 -5.58
N VAL B 526 -30.00 15.36 -4.57
CA VAL B 526 -30.59 14.02 -4.62
C VAL B 526 -31.95 14.13 -3.97
N LYS B 527 -33.01 14.00 -4.76
CA LYS B 527 -34.38 14.15 -4.24
C LYS B 527 -34.85 12.92 -3.50
N GLY B 528 -34.43 11.76 -3.95
CA GLY B 528 -34.69 10.57 -3.18
C GLY B 528 -34.16 9.29 -3.80
N PHE B 529 -34.43 8.20 -3.10
CA PHE B 529 -33.97 6.88 -3.43
C PHE B 529 -35.06 5.88 -3.06
N LYS B 530 -35.21 4.84 -3.88
CA LYS B 530 -36.12 3.75 -3.54
C LYS B 530 -35.48 2.48 -4.04
N MET B 531 -35.47 1.45 -3.19
CA MET B 531 -35.08 0.12 -3.61
C MET B 531 -36.34 -0.72 -3.76
N ASN B 532 -36.47 -1.36 -4.90
CA ASN B 532 -37.56 -2.28 -5.14
C ASN B 532 -36.99 -3.66 -5.37
N MET B 533 -37.63 -4.69 -4.83
CA MET B 533 -37.21 -6.05 -5.14
C MET B 533 -37.66 -6.47 -6.55
N ILE B 534 -36.79 -7.16 -7.28
CA ILE B 534 -37.06 -7.63 -8.65
C ILE B 534 -37.47 -9.09 -8.61
#